data_6U3E
#
_entry.id   6U3E
#
loop_
_entity.id
_entity.type
_entity.pdbx_description
1 polymer Cytohesin-3
2 non-polymer INOSITOL-(1,3,4,5)-TETRAKISPHOSPHATE
#
_entity_poly.entity_id   1
_entity_poly.type   'polypeptide(L)'
_entity_poly.pdbx_seq_one_letter_code
;MGHHHHHHGSPEDLSLEEREELLDIRRRKKELIDDIERLKYEIAEVMTEIDNLTSVEESKYTQRNAQIAMGRKKFNMDPK
KGIQFLIENDLLQSSPEDVAQFLYKGEGLNKTVIGDYLGERDDFNIKVLQAFVELHEFADLNLVQALRQFLWSFRLPGEA
QKIDRMMEAFASRYCLCNPGVFQSTDTCYVLSFAIIMLNTSLHNHNVRDKPTAERFITMNRGINEGGDLPEELLRNLYES
IKNEPFKIPEDDGNDLTYTFFNPDREGWLLKLGGRVKTWKRRWFILTDNCLYYFEYTTDKEPRGIIPLENLSIREVEDPR
KPNCFELYNPSHKGQVIKACKTEADGRVVEGNHVVYRISAPSPEEKEEWMKSIKASISRDPFYDMLATRKRRIANKK
;
_entity_poly.pdbx_strand_id   A,B
#
loop_
_chem_comp.id
_chem_comp.type
_chem_comp.name
_chem_comp.formula
4IP non-polymer INOSITOL-(1,3,4,5)-TETRAKISPHOSPHATE 'C6 H16 O18 P4'
#
# COMPACT_ATOMS: atom_id res chain seq x y z
N MET A 1 -19.48 18.42 -19.43
CA MET A 1 -18.37 19.29 -18.99
C MET A 1 -17.87 18.87 -17.65
N GLY A 2 -17.24 19.81 -16.92
CA GLY A 2 -16.71 19.48 -15.63
C GLY A 2 -17.55 20.17 -14.64
N HIS A 3 -17.57 19.66 -13.40
CA HIS A 3 -18.37 20.33 -12.44
C HIS A 3 -17.41 20.66 -11.34
N HIS A 4 -17.67 21.77 -10.62
CA HIS A 4 -16.87 22.34 -9.56
C HIS A 4 -16.94 21.49 -8.32
N HIS A 5 -15.78 21.33 -7.62
CA HIS A 5 -15.62 20.53 -6.43
C HIS A 5 -16.44 21.04 -5.26
N HIS A 6 -16.39 22.36 -4.95
CA HIS A 6 -17.19 22.87 -3.87
C HIS A 6 -18.34 23.52 -4.56
N HIS A 7 -19.57 23.29 -4.08
CA HIS A 7 -20.67 23.82 -4.84
C HIS A 7 -21.27 24.89 -4.00
N HIS A 8 -21.91 25.87 -4.68
CA HIS A 8 -22.66 26.94 -4.10
C HIS A 8 -24.07 26.45 -4.00
N GLY A 9 -24.84 27.00 -3.04
CA GLY A 9 -26.21 26.59 -2.90
C GLY A 9 -26.99 27.74 -2.39
N SER A 10 -28.32 27.60 -2.47
CA SER A 10 -29.21 28.59 -1.95
C SER A 10 -29.80 27.92 -0.75
N PRO A 11 -29.95 28.56 0.38
CA PRO A 11 -30.49 27.95 1.56
C PRO A 11 -31.89 27.43 1.35
N GLU A 12 -32.06 26.09 1.42
CA GLU A 12 -33.32 25.43 1.34
C GLU A 12 -33.18 24.20 2.18
N ASP A 13 -34.20 23.91 3.01
CA ASP A 13 -34.12 22.70 3.79
C ASP A 13 -35.50 22.08 3.82
N LEU A 14 -35.97 21.48 2.71
CA LEU A 14 -37.27 20.89 2.81
C LEU A 14 -37.11 19.50 3.34
N SER A 15 -37.07 19.40 4.69
CA SER A 15 -37.00 18.12 5.32
C SER A 15 -37.65 18.23 6.67
N LEU A 16 -38.86 18.86 6.73
CA LEU A 16 -39.55 19.14 7.98
C LEU A 16 -39.88 17.83 8.63
N GLU A 17 -40.46 16.89 7.86
CA GLU A 17 -40.88 15.59 8.42
C GLU A 17 -39.65 14.86 8.98
N GLU A 18 -38.58 14.82 8.19
CA GLU A 18 -37.33 14.16 8.61
C GLU A 18 -36.83 14.79 9.91
N ARG A 19 -36.83 16.11 9.97
CA ARG A 19 -36.39 16.84 11.18
C ARG A 19 -37.23 16.40 12.37
N GLU A 20 -38.54 16.35 12.18
CA GLU A 20 -39.47 15.93 13.26
C GLU A 20 -39.08 14.51 13.73
N GLU A 21 -38.87 13.62 12.77
CA GLU A 21 -38.46 12.23 13.09
C GLU A 21 -37.18 12.23 13.93
N LEU A 22 -36.21 13.03 13.50
CA LEU A 22 -34.93 13.14 14.21
C LEU A 22 -35.18 13.58 15.65
N LEU A 23 -36.01 14.61 15.81
CA LEU A 23 -36.36 15.12 17.15
C LEU A 23 -36.94 13.98 18.01
N ASP A 24 -37.88 13.23 17.42
CA ASP A 24 -38.50 12.10 18.12
C ASP A 24 -37.41 11.10 18.57
N ILE A 25 -36.51 10.79 17.64
CA ILE A 25 -35.40 9.86 17.94
C ILE A 25 -34.59 10.38 19.13
N ARG A 26 -34.26 11.67 19.08
CA ARG A 26 -33.50 12.30 20.17
C ARG A 26 -34.24 12.11 21.50
N ARG A 27 -35.53 12.39 21.49
CA ARG A 27 -36.37 12.23 22.70
C ARG A 27 -36.26 10.79 23.22
N ARG A 28 -36.41 9.84 22.30
CA ARG A 28 -36.29 8.40 22.65
C ARG A 28 -34.94 8.13 23.31
N LYS A 29 -33.88 8.64 22.70
CA LYS A 29 -32.52 8.47 23.23
C LYS A 29 -32.46 9.01 24.65
N LYS A 30 -33.00 10.20 24.86
CA LYS A 30 -33.01 10.83 26.19
C LYS A 30 -33.71 9.89 27.19
N GLU A 31 -34.87 9.38 26.78
CA GLU A 31 -35.64 8.46 27.64
C GLU A 31 -34.77 7.24 28.01
N LEU A 32 -34.11 6.68 26.99
CA LEU A 32 -33.22 5.52 27.20
C LEU A 32 -32.14 5.87 28.23
N ILE A 33 -31.54 7.04 28.06
CA ILE A 33 -30.48 7.51 28.99
C ILE A 33 -31.06 7.56 30.42
N ASP A 34 -32.24 8.13 30.55
CA ASP A 34 -32.90 8.21 31.88
C ASP A 34 -33.06 6.80 32.46
N ASP A 35 -33.55 5.88 31.65
CA ASP A 35 -33.74 4.49 32.07
C ASP A 35 -32.41 3.91 32.57
N ILE A 36 -31.36 4.13 31.78
CA ILE A 36 -30.01 3.65 32.14
C ILE A 36 -29.61 4.21 33.51
N GLU A 37 -29.82 5.51 33.69
CA GLU A 37 -29.50 6.16 34.98
C GLU A 37 -30.24 5.46 36.12
N ARG A 38 -31.54 5.23 35.91
CA ARG A 38 -32.38 4.54 36.91
C ARG A 38 -31.77 3.17 37.24
N LEU A 39 -31.41 2.42 36.20
CA LEU A 39 -30.80 1.10 36.36
C LEU A 39 -29.54 1.21 37.21
N LYS A 40 -28.70 2.19 36.88
CA LYS A 40 -27.45 2.42 37.64
C LYS A 40 -27.78 2.65 39.12
N TYR A 41 -28.76 3.50 39.38
CA TYR A 41 -29.18 3.79 40.76
C TYR A 41 -29.58 2.49 41.46
N GLU A 42 -30.40 1.68 40.77
CA GLU A 42 -30.84 0.38 41.31
C GLU A 42 -29.63 -0.48 41.67
N ILE A 43 -28.68 -0.55 40.74
CA ILE A 43 -27.44 -1.33 40.95
C ILE A 43 -26.73 -0.84 42.21
N ALA A 44 -26.60 0.48 42.34
CA ALA A 44 -25.95 1.08 43.52
C ALA A 44 -26.68 0.61 44.80
N GLU A 45 -28.00 0.69 44.78
CA GLU A 45 -28.82 0.27 45.93
C GLU A 45 -28.51 -1.20 46.25
N VAL A 46 -28.50 -2.04 45.22
CA VAL A 46 -28.20 -3.47 45.39
C VAL A 46 -26.83 -3.64 46.06
N MET A 47 -25.84 -2.91 45.56
CA MET A 47 -24.48 -2.97 46.13
C MET A 47 -24.53 -2.62 47.62
N THR A 48 -25.23 -1.55 47.95
CA THR A 48 -25.37 -1.11 49.35
C THR A 48 -25.97 -2.25 50.19
N GLU A 49 -27.03 -2.86 49.67
CA GLU A 49 -27.69 -3.99 50.35
C GLU A 49 -26.67 -5.11 50.59
N ILE A 50 -25.91 -5.44 49.55
CA ILE A 50 -24.88 -6.48 49.65
C ILE A 50 -23.90 -6.15 50.78
N ASP A 51 -23.40 -4.89 50.79
CA ASP A 51 -22.36 -4.47 51.71
C ASP A 51 -22.94 -4.20 53.07
N ASN A 52 -22.16 -4.58 54.09
CA ASN A 52 -22.46 -4.31 55.46
C ASN A 52 -21.37 -3.38 55.93
N LEU A 53 -21.71 -2.15 56.37
CA LEU A 53 -20.69 -1.20 56.73
C LEU A 53 -20.31 -1.36 58.19
N THR A 54 -19.24 -2.17 58.43
CA THR A 54 -18.70 -2.40 59.74
C THR A 54 -18.02 -1.13 60.13
N SER A 55 -17.40 -0.54 59.10
CA SER A 55 -16.68 0.68 59.00
C SER A 55 -16.88 0.99 57.56
N VAL A 56 -16.18 2.02 57.05
CA VAL A 56 -16.27 2.31 55.64
C VAL A 56 -14.99 1.79 55.06
N GLU A 57 -15.03 1.36 53.78
CA GLU A 57 -13.91 0.78 53.09
C GLU A 57 -12.90 1.85 52.79
N GLU A 58 -11.60 1.52 52.94
CA GLU A 58 -10.63 2.52 52.64
C GLU A 58 -9.95 2.20 51.33
N SER A 59 -10.54 2.72 50.24
CA SER A 59 -9.96 2.64 48.93
C SER A 59 -10.10 4.04 48.43
N LYS A 60 -8.98 4.69 48.09
CA LYS A 60 -9.09 6.07 47.72
C LYS A 60 -9.72 6.20 46.38
N TYR A 61 -10.84 6.95 46.34
CA TYR A 61 -11.53 7.24 45.13
C TYR A 61 -11.27 8.70 44.98
N THR A 62 -10.92 9.17 43.77
CA THR A 62 -10.78 10.60 43.58
C THR A 62 -11.48 11.14 42.36
N GLN A 63 -12.71 11.67 42.63
CA GLN A 63 -13.58 12.17 41.56
C GLN A 63 -12.95 13.25 40.69
N ARG A 64 -12.20 14.17 41.33
CA ARG A 64 -11.56 15.25 40.57
C ARG A 64 -10.47 14.72 39.62
N ASN A 65 -9.63 13.82 40.11
CA ASN A 65 -8.61 13.19 39.27
C ASN A 65 -9.23 12.39 38.13
N ALA A 66 -10.34 11.72 38.43
CA ALA A 66 -11.08 10.97 37.42
C ALA A 66 -11.61 11.86 36.32
N GLN A 67 -12.13 13.04 36.68
CA GLN A 67 -12.64 14.01 35.71
C GLN A 67 -11.50 14.56 34.87
N ILE A 68 -10.38 14.87 35.52
CA ILE A 68 -9.18 15.33 34.82
C ILE A 68 -8.76 14.29 33.77
N ALA A 69 -8.67 13.03 34.20
CA ALA A 69 -8.27 11.95 33.32
C ALA A 69 -9.29 11.74 32.19
N MET A 70 -10.58 11.81 32.54
CA MET A 70 -11.68 11.69 31.56
C MET A 70 -11.58 12.77 30.49
N GLY A 71 -11.39 14.02 30.94
CA GLY A 71 -11.26 15.16 30.04
C GLY A 71 -10.12 14.99 29.03
N ARG A 72 -8.97 14.51 29.51
CA ARG A 72 -7.81 14.27 28.64
C ARG A 72 -8.09 13.16 27.64
N LYS A 73 -8.69 12.07 28.12
CA LYS A 73 -9.02 10.94 27.25
C LYS A 73 -9.93 11.40 26.12
N LYS A 74 -10.92 12.21 26.47
CA LYS A 74 -11.89 12.73 25.52
C LYS A 74 -11.26 13.65 24.50
N PHE A 75 -10.40 14.55 24.99
CA PHE A 75 -9.68 15.47 24.12
C PHE A 75 -8.89 14.74 23.05
N ASN A 76 -8.19 13.69 23.45
CA ASN A 76 -7.31 12.95 22.54
C ASN A 76 -8.05 12.21 21.44
N MET A 77 -9.34 11.96 21.68
CA MET A 77 -10.20 11.35 20.65
C MET A 77 -10.90 12.43 19.82
N ASP A 78 -11.33 13.49 20.48
CA ASP A 78 -12.00 14.61 19.83
C ASP A 78 -11.76 15.89 20.63
N PRO A 79 -10.90 16.80 20.10
CA PRO A 79 -10.46 17.97 20.87
C PRO A 79 -11.58 18.92 21.27
N LYS A 80 -12.54 19.13 20.38
CA LYS A 80 -13.70 19.96 20.69
C LYS A 80 -14.52 19.39 21.86
N LYS A 81 -14.73 18.08 21.85
CA LYS A 81 -15.51 17.39 22.89
C LYS A 81 -14.79 17.31 24.24
N GLY A 82 -13.47 17.10 24.21
CA GLY A 82 -12.69 17.12 25.44
C GLY A 82 -12.71 18.48 26.11
N ILE A 83 -12.55 19.53 25.31
CA ILE A 83 -12.57 20.91 25.82
C ILE A 83 -13.94 21.26 26.41
N GLN A 84 -15.01 20.84 25.74
CA GLN A 84 -16.36 21.05 26.27
C GLN A 84 -16.61 20.30 27.58
N PHE A 85 -16.11 19.07 27.71
CA PHE A 85 -16.25 18.29 28.93
C PHE A 85 -15.55 18.99 30.11
N LEU A 86 -14.34 19.49 29.85
CA LEU A 86 -13.56 20.13 30.90
C LEU A 86 -14.22 21.41 31.37
N ILE A 87 -14.77 22.17 30.43
CA ILE A 87 -15.50 23.41 30.74
C ILE A 87 -16.74 23.09 31.60
N GLU A 88 -17.53 22.11 31.16
CA GLU A 88 -18.74 21.70 31.90
C GLU A 88 -18.44 21.17 33.30
N ASN A 89 -17.25 20.59 33.45
CA ASN A 89 -16.84 20.05 34.73
C ASN A 89 -16.02 21.02 35.57
N ASP A 90 -16.06 22.30 35.20
CA ASP A 90 -15.38 23.39 35.91
C ASP A 90 -13.88 23.17 36.10
N LEU A 91 -13.26 22.57 35.09
CA LEU A 91 -11.82 22.30 35.13
C LEU A 91 -11.07 23.17 34.14
N LEU A 92 -11.82 23.93 33.34
CA LEU A 92 -11.29 24.79 32.30
C LEU A 92 -12.24 25.94 32.08
N GLN A 93 -11.71 27.16 31.93
CA GLN A 93 -12.54 28.32 31.59
C GLN A 93 -12.72 28.41 30.08
N SER A 94 -13.78 29.08 29.66
CA SER A 94 -14.28 28.98 28.28
C SER A 94 -13.67 29.98 27.29
N SER A 95 -12.85 30.91 27.76
CA SER A 95 -12.25 31.92 26.88
C SER A 95 -11.17 31.32 25.97
N PRO A 96 -10.94 31.94 24.79
CA PRO A 96 -9.87 31.51 23.89
C PRO A 96 -8.50 31.49 24.57
N GLU A 97 -8.25 32.49 25.43
CA GLU A 97 -7.01 32.58 26.19
C GLU A 97 -6.84 31.41 27.17
N ASP A 98 -7.94 31.04 27.82
CA ASP A 98 -7.92 29.93 28.77
C ASP A 98 -7.71 28.59 28.06
N VAL A 99 -8.40 28.40 26.93
CA VAL A 99 -8.21 27.18 26.14
C VAL A 99 -6.77 27.13 25.60
N ALA A 100 -6.24 28.28 25.20
CA ALA A 100 -4.85 28.35 24.70
C ALA A 100 -3.84 27.92 25.75
N GLN A 101 -4.03 28.37 26.99
CA GLN A 101 -3.14 28.01 28.08
C GLN A 101 -3.19 26.51 28.35
N PHE A 102 -4.40 25.95 28.29
CA PHE A 102 -4.61 24.52 28.45
C PHE A 102 -3.83 23.73 27.38
N LEU A 103 -3.94 24.15 26.12
CA LEU A 103 -3.24 23.47 25.01
C LEU A 103 -1.73 23.67 25.06
N TYR A 104 -1.33 24.87 25.46
CA TYR A 104 0.10 25.21 25.58
C TYR A 104 0.78 24.35 26.66
N LYS A 105 0.15 24.24 27.83
CA LYS A 105 0.65 23.28 28.82
C LYS A 105 0.60 21.85 28.27
N GLY A 106 -0.53 21.49 27.65
CA GLY A 106 -0.67 20.22 26.93
C GLY A 106 -0.40 18.97 27.75
N GLU A 107 -0.70 19.02 29.05
CA GLU A 107 -0.39 17.91 29.95
C GLU A 107 -1.21 16.69 29.59
N GLY A 108 -0.53 15.63 29.15
CA GLY A 108 -1.17 14.38 28.74
C GLY A 108 -1.99 14.51 27.46
N LEU A 109 -1.74 15.57 26.70
CA LEU A 109 -2.44 15.81 25.43
C LEU A 109 -1.62 15.38 24.23
N ASN A 110 -2.30 14.76 23.28
CA ASN A 110 -1.70 14.35 22.01
C ASN A 110 -1.39 15.61 21.18
N LYS A 111 -0.13 15.80 20.84
CA LYS A 111 0.30 17.01 20.11
C LYS A 111 -0.16 17.11 18.65
N THR A 112 -0.46 15.97 18.04
CA THR A 112 -1.10 15.96 16.72
C THR A 112 -2.54 16.51 16.84
N VAL A 113 -3.24 16.10 17.88
CA VAL A 113 -4.60 16.59 18.14
C VAL A 113 -4.62 18.10 18.45
N ILE A 114 -3.66 18.56 19.24
CA ILE A 114 -3.49 20.01 19.45
C ILE A 114 -3.36 20.74 18.11
N GLY A 115 -2.53 20.25 17.20
CA GLY A 115 -2.36 20.87 15.89
C GLY A 115 -3.64 20.86 15.06
N ASP A 116 -4.37 19.75 15.11
CA ASP A 116 -5.64 19.61 14.41
C ASP A 116 -6.63 20.70 14.82
N TYR A 117 -6.75 20.90 16.13
CA TYR A 117 -7.66 21.87 16.70
C TYR A 117 -7.24 23.33 16.39
N LEU A 118 -5.95 23.64 16.52
CA LEU A 118 -5.46 24.99 16.30
C LEU A 118 -5.55 25.47 14.84
N GLY A 119 -5.55 24.52 13.93
CA GLY A 119 -5.55 24.80 12.51
C GLY A 119 -6.92 25.12 11.93
N GLU A 120 -7.97 24.74 12.66
CA GLU A 120 -9.37 24.92 12.22
C GLU A 120 -9.72 26.37 11.88
N ARG A 121 -10.68 26.53 10.96
CA ARG A 121 -11.07 27.86 10.51
C ARG A 121 -12.08 28.56 11.43
N ASP A 122 -12.67 27.83 12.38
CA ASP A 122 -13.64 28.39 13.33
C ASP A 122 -13.16 29.67 14.00
N ASP A 123 -14.08 30.61 14.19
CA ASP A 123 -13.79 31.88 14.87
C ASP A 123 -13.12 31.68 16.23
N PHE A 124 -13.64 30.74 17.02
CA PHE A 124 -13.08 30.45 18.34
C PHE A 124 -11.64 29.91 18.22
N ASN A 125 -11.46 28.94 17.32
CA ASN A 125 -10.15 28.31 17.09
C ASN A 125 -9.09 29.28 16.61
N ILE A 126 -9.48 30.20 15.73
CA ILE A 126 -8.61 31.29 15.30
C ILE A 126 -8.14 32.14 16.48
N LYS A 127 -9.05 32.39 17.42
CA LYS A 127 -8.70 33.16 18.60
C LYS A 127 -7.79 32.36 19.53
N VAL A 128 -8.08 31.07 19.68
CA VAL A 128 -7.21 30.18 20.48
C VAL A 128 -5.79 30.16 19.90
N LEU A 129 -5.70 30.00 18.58
CA LEU A 129 -4.40 30.00 17.89
C LEU A 129 -3.58 31.25 18.17
N GLN A 130 -4.20 32.43 18.05
CA GLN A 130 -3.48 33.66 18.32
C GLN A 130 -2.98 33.73 19.76
N ALA A 131 -3.82 33.33 20.71
CA ALA A 131 -3.43 33.29 22.12
C ALA A 131 -2.34 32.25 22.38
N PHE A 132 -2.43 31.14 21.65
CA PHE A 132 -1.44 30.06 21.74
C PHE A 132 -0.05 30.56 21.29
N VAL A 133 0.03 31.24 20.14
CA VAL A 133 1.30 31.79 19.68
C VAL A 133 1.81 32.89 20.61
N GLU A 134 0.90 33.63 21.24
CA GLU A 134 1.30 34.70 22.19
C GLU A 134 1.96 34.18 23.47
N LEU A 135 1.69 32.92 23.81
CA LEU A 135 2.31 32.28 24.99
C LEU A 135 3.74 31.81 24.71
N HIS A 136 4.13 31.85 23.44
CA HIS A 136 5.51 31.54 23.03
C HIS A 136 6.35 32.82 23.03
N GLU A 137 7.49 32.80 23.72
CA GLU A 137 8.40 33.94 23.70
C GLU A 137 9.54 33.75 22.72
N PHE A 138 9.49 34.50 21.61
CA PHE A 138 10.51 34.38 20.57
C PHE A 138 11.55 35.49 20.61
N ALA A 139 11.39 36.47 21.50
CA ALA A 139 12.33 37.58 21.57
C ALA A 139 13.74 37.07 21.80
N ASP A 140 14.70 37.68 21.10
CA ASP A 140 16.12 37.37 21.25
C ASP A 140 16.46 35.93 20.83
N LEU A 141 15.62 35.34 19.99
CA LEU A 141 15.92 34.04 19.41
C LEU A 141 16.02 34.21 17.91
N ASN A 142 16.91 33.47 17.26
CA ASN A 142 16.92 33.48 15.78
C ASN A 142 15.79 32.60 15.24
N LEU A 143 15.55 32.62 13.94
CA LEU A 143 14.37 31.94 13.40
C LEU A 143 14.35 30.42 13.62
N VAL A 144 15.50 29.76 13.48
CA VAL A 144 15.61 28.32 13.82
C VAL A 144 15.27 28.07 15.28
N GLN A 145 15.83 28.86 16.19
CA GLN A 145 15.58 28.67 17.62
C GLN A 145 14.10 28.85 17.97
N ALA A 146 13.46 29.85 17.34
CA ALA A 146 12.03 30.09 17.51
C ALA A 146 11.21 28.93 16.95
N LEU A 147 11.63 28.40 15.79
CA LEU A 147 10.95 27.25 15.20
C LEU A 147 11.09 26.00 16.05
N ARG A 148 12.27 25.78 16.63
CA ARG A 148 12.48 24.66 17.56
C ARG A 148 11.44 24.70 18.69
N GLN A 149 11.26 25.89 19.25
CA GLN A 149 10.33 26.11 20.36
C GLN A 149 8.87 25.85 19.96
N PHE A 150 8.45 26.48 18.88
CA PHE A 150 7.09 26.39 18.37
C PHE A 150 6.72 24.95 18.01
N LEU A 151 7.63 24.30 17.29
CA LEU A 151 7.41 22.94 16.80
C LEU A 151 7.50 21.89 17.92
N TRP A 152 7.87 22.30 19.13
CA TRP A 152 7.76 21.38 20.26
C TRP A 152 6.32 21.31 20.80
N SER A 153 5.56 22.37 20.55
CA SER A 153 4.27 22.57 21.22
C SER A 153 3.09 21.84 20.58
N PHE A 154 3.24 21.42 19.32
CA PHE A 154 2.17 20.77 18.56
C PHE A 154 2.81 20.08 17.37
N ARG A 155 2.04 19.25 16.66
CA ARG A 155 2.48 18.66 15.40
C ARG A 155 1.68 19.26 14.26
N LEU A 156 2.38 19.73 13.23
CA LEU A 156 1.74 20.37 12.10
C LEU A 156 0.71 19.44 11.45
N PRO A 157 -0.52 19.95 11.26
CA PRO A 157 -1.56 19.20 10.53
C PRO A 157 -1.14 18.93 9.08
N GLY A 158 -1.89 18.09 8.38
CA GLY A 158 -1.52 17.69 7.01
C GLY A 158 -2.04 18.61 5.93
N GLU A 159 -3.12 19.32 6.23
CA GLU A 159 -3.83 20.15 5.26
C GLU A 159 -3.14 21.49 5.04
N ALA A 160 -2.97 21.87 3.78
CA ALA A 160 -2.20 23.07 3.42
C ALA A 160 -2.76 24.36 4.05
N GLN A 161 -4.08 24.50 4.06
CA GLN A 161 -4.71 25.70 4.60
C GLN A 161 -4.52 25.81 6.12
N LYS A 162 -4.46 24.67 6.80
CA LYS A 162 -4.24 24.64 8.24
C LYS A 162 -2.79 24.98 8.58
N ILE A 163 -1.86 24.42 7.81
CA ILE A 163 -0.43 24.73 7.96
C ILE A 163 -0.19 26.22 7.77
N ASP A 164 -0.78 26.77 6.71
CA ASP A 164 -0.65 28.17 6.38
C ASP A 164 -1.12 29.08 7.50
N ARG A 165 -2.29 28.78 8.08
CA ARG A 165 -2.81 29.58 9.19
C ARG A 165 -1.86 29.58 10.39
N MET A 166 -1.34 28.39 10.71
CA MET A 166 -0.44 28.25 11.85
C MET A 166 0.91 28.91 11.61
N MET A 167 1.45 28.78 10.39
CA MET A 167 2.75 29.38 10.10
C MET A 167 2.66 30.89 9.88
N GLU A 168 1.49 31.37 9.42
CA GLU A 168 1.26 32.82 9.36
C GLU A 168 1.21 33.38 10.77
N ALA A 169 0.57 32.65 11.67
CA ALA A 169 0.44 33.11 13.05
C ALA A 169 1.83 33.13 13.71
N PHE A 170 2.61 32.11 13.42
CA PHE A 170 3.98 32.02 13.94
C PHE A 170 4.85 33.17 13.41
N ALA A 171 4.82 33.38 12.09
CA ALA A 171 5.67 34.38 11.45
C ALA A 171 5.33 35.77 11.98
N SER A 172 4.03 36.04 12.11
CA SER A 172 3.58 37.33 12.66
C SER A 172 4.12 37.55 14.05
N ARG A 173 4.02 36.52 14.91
CA ARG A 173 4.52 36.56 16.28
C ARG A 173 6.02 36.75 16.32
N TYR A 174 6.75 36.00 15.49
CA TYR A 174 8.20 36.11 15.44
C TYR A 174 8.63 37.55 15.12
N CYS A 175 8.02 38.14 14.10
CA CYS A 175 8.35 39.49 13.66
C CYS A 175 8.01 40.56 14.70
N LEU A 176 6.92 40.36 15.45
CA LEU A 176 6.60 41.27 16.55
C LEU A 176 7.63 41.18 17.67
N CYS A 177 8.09 39.96 17.95
CA CYS A 177 9.08 39.70 19.00
C CYS A 177 10.48 40.20 18.62
N ASN A 178 10.75 40.27 17.32
CA ASN A 178 12.07 40.57 16.79
C ASN A 178 11.97 41.55 15.62
N PRO A 179 11.58 42.81 15.93
CA PRO A 179 11.33 43.78 14.88
C PRO A 179 12.60 44.14 14.12
N GLY A 180 12.46 44.39 12.83
CA GLY A 180 13.58 44.81 12.01
C GLY A 180 14.43 43.69 11.45
N VAL A 181 14.25 42.47 11.94
CA VAL A 181 15.02 41.33 11.42
C VAL A 181 14.58 41.00 10.00
N PHE A 182 13.27 40.94 9.79
CA PHE A 182 12.74 40.66 8.47
C PHE A 182 11.89 41.82 8.01
N GLN A 183 11.96 42.14 6.73
CA GLN A 183 11.22 43.29 6.16
C GLN A 183 9.71 43.05 6.04
N SER A 184 9.29 41.79 6.13
CA SER A 184 7.87 41.47 6.13
C SER A 184 7.59 40.13 6.78
N THR A 185 6.33 39.92 7.15
CA THR A 185 5.83 38.62 7.60
C THR A 185 6.06 37.57 6.52
N ASP A 186 5.80 37.93 5.25
CA ASP A 186 6.03 37.02 4.14
C ASP A 186 7.46 36.48 4.10
N THR A 187 8.42 37.39 4.31
CA THR A 187 9.84 37.01 4.32
C THR A 187 10.10 35.95 5.39
N CYS A 188 9.59 36.22 6.58
CA CYS A 188 9.73 35.32 7.73
C CYS A 188 9.10 33.96 7.44
N TYR A 189 7.90 33.99 6.85
CA TYR A 189 7.15 32.77 6.54
C TYR A 189 7.89 31.91 5.52
N VAL A 190 8.35 32.55 4.44
CA VAL A 190 9.08 31.84 3.40
C VAL A 190 10.41 31.28 3.92
N LEU A 191 11.14 32.09 4.70
CA LEU A 191 12.40 31.60 5.27
C LEU A 191 12.17 30.43 6.23
N SER A 192 11.07 30.47 6.96
CA SER A 192 10.70 29.35 7.85
C SER A 192 10.59 28.07 7.05
N PHE A 193 9.95 28.14 5.88
CA PHE A 193 9.88 26.96 5.03
C PHE A 193 11.17 26.60 4.33
N ALA A 194 12.03 27.58 4.06
CA ALA A 194 13.37 27.28 3.56
C ALA A 194 14.14 26.49 4.62
N ILE A 195 13.93 26.84 5.89
CA ILE A 195 14.61 26.15 7.01
C ILE A 195 14.07 24.74 7.16
N ILE A 196 12.74 24.61 7.07
CA ILE A 196 12.11 23.29 7.10
C ILE A 196 12.59 22.42 5.94
N MET A 197 12.65 22.98 4.72
CA MET A 197 13.15 22.22 3.59
C MET A 197 14.61 21.84 3.77
N LEU A 198 15.40 22.73 4.38
CA LEU A 198 16.81 22.43 4.67
C LEU A 198 16.92 21.25 5.62
N ASN A 199 16.08 21.25 6.64
CA ASN A 199 16.06 20.16 7.63
C ASN A 199 15.82 18.82 6.94
N THR A 200 14.84 18.81 6.04
CA THR A 200 14.58 17.62 5.23
C THR A 200 15.78 17.24 4.36
N SER A 201 16.31 18.21 3.61
CA SER A 201 17.43 17.94 2.69
C SER A 201 18.66 17.38 3.42
N LEU A 202 19.02 17.98 4.55
CA LEU A 202 20.20 17.55 5.30
C LEU A 202 20.01 16.20 6.01
N HIS A 203 18.82 15.94 6.51
CA HIS A 203 18.62 14.85 7.48
C HIS A 203 17.82 13.66 6.97
N ASN A 204 17.15 13.80 5.84
CA ASN A 204 16.42 12.68 5.24
C ASN A 204 17.33 12.00 4.22
N HIS A 205 17.65 10.73 4.46
CA HIS A 205 18.58 9.99 3.61
C HIS A 205 18.10 9.87 2.16
N ASN A 206 16.80 10.04 1.93
CA ASN A 206 16.24 10.01 0.57
C ASN A 206 16.64 11.20 -0.31
N VAL A 207 17.19 12.24 0.32
CA VAL A 207 17.71 13.37 -0.43
C VAL A 207 19.22 13.17 -0.61
N ARG A 208 19.63 12.89 -1.84
CA ARG A 208 21.02 12.52 -2.13
C ARG A 208 22.03 13.68 -1.99
N ASP A 209 21.75 14.80 -2.65
CA ASP A 209 22.65 15.95 -2.69
C ASP A 209 22.40 16.89 -1.52
N LYS A 210 23.32 16.92 -0.56
CA LYS A 210 23.14 17.74 0.63
C LYS A 210 23.65 19.16 0.37
N PRO A 211 22.81 20.19 0.64
CA PRO A 211 23.26 21.55 0.36
C PRO A 211 24.39 21.99 1.29
N THR A 212 25.37 22.70 0.72
CA THR A 212 26.38 23.40 1.49
C THR A 212 25.78 24.68 2.07
N ALA A 213 26.50 25.29 3.01
CA ALA A 213 26.11 26.59 3.55
C ALA A 213 25.90 27.60 2.44
N GLU A 214 26.81 27.60 1.47
CA GLU A 214 26.82 28.56 0.35
C GLU A 214 25.61 28.36 -0.55
N ARG A 215 25.24 27.11 -0.79
CA ARG A 215 24.00 26.83 -1.53
C ARG A 215 22.80 27.40 -0.78
N PHE A 216 22.73 27.16 0.53
CA PHE A 216 21.61 27.68 1.33
C PHE A 216 21.54 29.22 1.31
N ILE A 217 22.68 29.87 1.49
CA ILE A 217 22.76 31.32 1.35
C ILE A 217 22.24 31.84 0.00
N THR A 218 22.77 31.31 -1.11
CA THR A 218 22.36 31.78 -2.44
C THR A 218 20.91 31.41 -2.83
N MET A 219 20.42 30.27 -2.35
CA MET A 219 19.03 29.88 -2.57
C MET A 219 18.05 30.93 -2.04
N ASN A 220 18.49 31.67 -1.03
CA ASN A 220 17.62 32.67 -0.38
C ASN A 220 17.83 34.11 -0.81
N ARG A 221 18.60 34.32 -1.88
CA ARG A 221 18.77 35.65 -2.47
C ARG A 221 17.41 36.28 -2.74
N GLY A 222 17.28 37.56 -2.40
CA GLY A 222 16.10 38.34 -2.72
C GLY A 222 14.91 38.16 -1.80
N ILE A 223 15.04 37.31 -0.78
CA ILE A 223 13.90 36.93 0.05
C ILE A 223 13.41 38.06 0.96
N ASN A 224 14.29 39.01 1.26
CA ASN A 224 13.97 40.09 2.19
C ASN A 224 13.34 41.26 1.43
N GLU A 225 12.14 41.01 0.90
CA GLU A 225 11.38 41.98 0.11
C GLU A 225 12.21 42.51 -1.06
N GLY A 226 12.92 41.62 -1.73
CA GLY A 226 13.72 41.99 -2.89
C GLY A 226 15.22 42.05 -2.64
N GLY A 227 15.60 42.27 -1.39
CA GLY A 227 17.02 42.33 -1.03
C GLY A 227 17.44 41.07 -0.30
N ASP A 228 18.72 40.98 0.04
CA ASP A 228 19.28 39.79 0.68
C ASP A 228 19.33 39.95 2.19
N LEU A 229 19.16 38.83 2.89
CA LEU A 229 19.38 38.84 4.32
C LEU A 229 20.88 38.76 4.57
N PRO A 230 21.30 39.09 5.81
CA PRO A 230 22.71 39.03 6.16
C PRO A 230 23.29 37.64 5.95
N GLU A 231 24.45 37.57 5.30
CA GLU A 231 25.11 36.31 5.03
C GLU A 231 25.29 35.48 6.29
N GLU A 232 25.75 36.13 7.36
CA GLU A 232 26.07 35.41 8.62
C GLU A 232 24.81 34.93 9.34
N LEU A 233 23.69 35.63 9.16
CA LEU A 233 22.42 35.17 9.69
C LEU A 233 22.00 33.86 9.00
N LEU A 234 22.00 33.84 7.67
CA LEU A 234 21.69 32.61 6.94
C LEU A 234 22.65 31.46 7.27
N ARG A 235 23.93 31.81 7.42
CA ARG A 235 24.92 30.79 7.77
C ARG A 235 24.64 30.22 9.15
N ASN A 236 24.28 31.09 10.10
CA ASN A 236 23.95 30.64 11.46
C ASN A 236 22.75 29.68 11.46
N LEU A 237 21.73 30.01 10.68
CA LEU A 237 20.55 29.15 10.56
C LEU A 237 20.92 27.80 9.97
N TYR A 238 21.67 27.84 8.87
CA TYR A 238 22.17 26.61 8.23
C TYR A 238 22.93 25.74 9.23
N GLU A 239 23.90 26.35 9.91
CA GLU A 239 24.75 25.59 10.84
C GLU A 239 23.98 24.97 11.98
N SER A 240 22.97 25.68 12.49
CA SER A 240 22.13 25.18 13.58
C SER A 240 21.38 23.91 13.17
N ILE A 241 20.75 23.96 12.00
CA ILE A 241 20.01 22.81 11.47
C ILE A 241 20.95 21.65 11.13
N LYS A 242 22.11 21.96 10.55
CA LYS A 242 23.08 20.92 10.23
C LYS A 242 23.55 20.17 11.49
N ASN A 243 23.75 20.92 12.57
CA ASN A 243 24.22 20.34 13.83
C ASN A 243 23.13 19.56 14.58
N GLU A 244 21.90 20.06 14.52
CA GLU A 244 20.78 19.39 15.18
C GLU A 244 19.49 19.50 14.37
N PRO A 245 18.98 18.35 13.88
CA PRO A 245 17.68 18.36 13.20
C PRO A 245 16.62 18.91 14.14
N PHE A 246 15.49 19.35 13.59
CA PHE A 246 14.33 19.68 14.42
C PHE A 246 13.94 18.46 15.23
N LYS A 247 13.86 18.63 16.54
CA LYS A 247 13.31 17.59 17.42
C LYS A 247 11.81 17.75 17.47
N ILE A 248 11.12 16.69 17.08
CA ILE A 248 9.68 16.69 16.91
C ILE A 248 9.05 15.79 17.97
N PRO A 249 8.02 16.29 18.69
CA PRO A 249 7.48 15.47 19.77
C PRO A 249 6.67 14.29 19.23
N GLU A 250 6.70 13.15 19.93
CA GLU A 250 5.94 11.96 19.51
C GLU A 250 6.30 11.58 18.06
N ASP A 251 7.55 11.82 17.65
CA ASP A 251 7.94 11.68 16.24
C ASP A 251 7.70 10.28 15.72
N ASP A 252 7.00 10.18 14.60
CA ASP A 252 6.73 8.89 13.95
C ASP A 252 7.67 8.62 12.78
N GLY A 253 8.47 9.61 12.41
CA GLY A 253 9.38 9.48 11.28
C GLY A 253 8.76 9.92 9.96
N ASN A 254 7.58 10.54 10.02
CA ASN A 254 6.88 11.02 8.83
C ASN A 254 6.40 12.45 8.99
N ASP A 255 7.09 13.22 9.83
CA ASP A 255 6.69 14.59 10.07
C ASP A 255 6.93 15.45 8.84
N LEU A 256 6.12 16.48 8.68
CA LEU A 256 6.32 17.46 7.62
C LEU A 256 7.76 17.99 7.60
N THR A 257 8.35 18.23 8.77
CA THR A 257 9.70 18.81 8.84
C THR A 257 10.80 17.91 8.29
N TYR A 258 10.49 16.63 8.14
CA TYR A 258 11.43 15.60 7.70
C TYR A 258 11.15 15.17 6.25
N THR A 259 10.00 15.60 5.73
CA THR A 259 9.52 15.13 4.42
C THR A 259 9.10 16.29 3.53
N PHE A 260 9.71 17.45 3.71
CA PHE A 260 9.38 18.62 2.89
C PHE A 260 10.37 18.66 1.74
N PHE A 261 10.00 18.03 0.63
CA PHE A 261 10.93 17.84 -0.48
C PHE A 261 10.80 18.93 -1.54
N ASN A 262 11.87 19.11 -2.31
CA ASN A 262 11.93 20.09 -3.37
C ASN A 262 11.64 19.37 -4.68
N PRO A 263 10.51 19.70 -5.35
CA PRO A 263 10.18 18.96 -6.57
C PRO A 263 10.79 19.55 -7.87
N ASP A 264 11.51 20.66 -7.77
CA ASP A 264 12.03 21.33 -8.98
C ASP A 264 13.20 20.54 -9.55
N ARG A 265 13.33 20.55 -10.88
CA ARG A 265 14.32 19.71 -11.56
C ARG A 265 15.08 20.45 -12.63
N GLU A 266 16.27 19.91 -12.97
CA GLU A 266 17.08 20.43 -14.04
C GLU A 266 17.81 19.29 -14.74
N GLY A 267 18.19 19.50 -15.98
CA GLY A 267 19.00 18.50 -16.70
C GLY A 267 19.00 18.74 -18.19
N TRP A 268 20.02 18.19 -18.86
CA TRP A 268 20.14 18.24 -20.31
C TRP A 268 19.23 17.22 -20.96
N LEU A 269 18.50 17.63 -21.98
CA LEU A 269 17.66 16.73 -22.79
C LEU A 269 17.75 17.16 -24.25
N LEU A 270 17.30 16.30 -25.15
CA LEU A 270 17.29 16.60 -26.56
C LEU A 270 15.85 16.91 -26.93
N LYS A 271 15.64 18.07 -27.57
CA LYS A 271 14.28 18.46 -27.94
C LYS A 271 14.13 18.67 -29.44
N LEU A 272 12.97 18.28 -29.96
CA LEU A 272 12.65 18.44 -31.38
C LEU A 272 12.05 19.84 -31.62
N GLY A 273 12.44 20.47 -32.74
CA GLY A 273 11.96 21.82 -33.10
C GLY A 273 10.51 21.89 -33.57
N GLY A 274 10.04 23.10 -33.85
CA GLY A 274 8.63 23.35 -34.21
C GLY A 274 8.41 23.24 -35.71
N ARG A 275 8.51 24.37 -36.40
CA ARG A 275 8.40 24.38 -37.87
C ARG A 275 9.53 23.59 -38.50
N VAL A 276 10.75 23.86 -38.05
CA VAL A 276 11.91 23.15 -38.55
C VAL A 276 12.24 22.02 -37.58
N LYS A 277 12.20 20.80 -38.10
CA LYS A 277 12.26 19.58 -37.28
C LYS A 277 13.68 19.13 -36.94
N THR A 278 14.42 20.00 -36.25
CA THR A 278 15.77 19.67 -35.81
C THR A 278 15.83 19.37 -34.31
N TRP A 279 16.74 18.48 -33.95
CA TRP A 279 16.93 18.10 -32.56
C TRP A 279 18.07 18.91 -31.95
N LYS A 280 17.78 19.54 -30.80
CA LYS A 280 18.74 20.40 -30.11
C LYS A 280 18.93 19.97 -28.67
N ARG A 281 20.20 19.94 -28.23
CA ARG A 281 20.52 19.67 -26.84
C ARG A 281 20.31 20.93 -26.00
N ARG A 282 19.43 20.84 -25.02
CA ARG A 282 19.03 22.00 -24.23
C ARG A 282 18.99 21.68 -22.74
N TRP A 283 19.23 22.71 -21.93
CA TRP A 283 19.27 22.58 -20.48
C TRP A 283 17.90 22.95 -19.96
N PHE A 284 17.21 21.97 -19.36
CA PHE A 284 15.84 22.17 -18.92
C PHE A 284 15.75 22.46 -17.44
N ILE A 285 14.84 23.36 -17.07
CA ILE A 285 14.55 23.59 -15.67
C ILE A 285 13.03 23.60 -15.50
N LEU A 286 12.56 22.78 -14.57
CA LEU A 286 11.14 22.71 -14.20
C LEU A 286 10.96 23.36 -12.84
N THR A 287 10.14 24.41 -12.81
CA THR A 287 9.79 25.07 -11.57
C THR A 287 8.48 25.82 -11.72
N ASP A 288 7.69 25.82 -10.64
CA ASP A 288 6.41 26.55 -10.59
C ASP A 288 5.54 26.30 -11.84
N ASN A 289 5.39 25.03 -12.18
CA ASN A 289 4.53 24.56 -13.29
C ASN A 289 4.86 25.14 -14.66
N CYS A 290 6.15 25.37 -14.88
CA CYS A 290 6.66 25.86 -16.13
C CYS A 290 7.96 25.15 -16.47
N LEU A 291 8.14 24.84 -17.76
CA LEU A 291 9.36 24.21 -18.24
C LEU A 291 10.17 25.24 -19.04
N TYR A 292 11.34 25.57 -18.51
CA TYR A 292 12.26 26.51 -19.13
C TYR A 292 13.35 25.72 -19.80
N TYR A 293 13.85 26.20 -20.92
CA TYR A 293 15.04 25.59 -21.52
C TYR A 293 16.03 26.62 -22.03
N PHE A 294 17.31 26.28 -21.95
CA PHE A 294 18.42 27.21 -22.06
C PHE A 294 19.46 26.60 -22.98
N GLU A 295 20.25 27.45 -23.63
CA GLU A 295 21.39 27.01 -24.42
C GLU A 295 22.53 26.52 -23.53
N TYR A 296 22.77 27.24 -22.43
CA TYR A 296 23.83 26.94 -21.47
C TYR A 296 23.29 26.96 -20.05
N THR A 297 23.88 26.15 -19.17
CA THR A 297 23.45 26.11 -17.76
C THR A 297 23.61 27.45 -17.04
N THR A 298 24.47 28.32 -17.59
CA THR A 298 24.80 29.59 -16.96
C THR A 298 23.96 30.78 -17.44
N ASP A 299 23.12 30.55 -18.44
CA ASP A 299 22.23 31.58 -18.97
C ASP A 299 21.15 31.97 -18.00
N LYS A 300 20.86 33.28 -17.95
CA LYS A 300 19.68 33.77 -17.22
C LYS A 300 18.50 33.85 -18.18
N GLU A 301 18.80 34.13 -19.45
CA GLU A 301 17.77 34.25 -20.46
C GLU A 301 17.53 32.87 -21.09
N PRO A 302 16.28 32.38 -21.01
CA PRO A 302 16.01 31.07 -21.58
C PRO A 302 15.90 31.14 -23.09
N ARG A 303 16.11 29.99 -23.74
CA ARG A 303 15.84 29.86 -25.15
C ARG A 303 14.34 29.84 -25.34
N GLY A 304 13.64 29.21 -24.39
CA GLY A 304 12.18 29.13 -24.46
C GLY A 304 11.54 28.88 -23.11
N ILE A 305 10.24 29.18 -23.05
CA ILE A 305 9.45 29.03 -21.83
C ILE A 305 8.13 28.36 -22.20
N ILE A 306 7.84 27.23 -21.55
CA ILE A 306 6.63 26.46 -21.82
C ILE A 306 5.76 26.34 -20.54
N PRO A 307 4.76 27.22 -20.39
CA PRO A 307 3.81 27.03 -19.28
C PRO A 307 3.10 25.66 -19.37
N LEU A 308 3.02 24.93 -18.26
CA LEU A 308 2.48 23.56 -18.30
C LEU A 308 0.97 23.52 -18.06
N GLU A 309 0.40 24.67 -17.70
CA GLU A 309 -1.03 24.72 -17.44
C GLU A 309 -1.79 24.28 -18.69
N ASN A 310 -2.74 23.36 -18.47
CA ASN A 310 -3.62 22.82 -19.53
C ASN A 310 -2.95 21.78 -20.42
N LEU A 311 -1.72 21.42 -20.10
CA LEU A 311 -1.00 20.43 -20.89
C LEU A 311 -1.03 19.06 -20.25
N SER A 312 -0.59 18.08 -21.01
CA SER A 312 -0.46 16.73 -20.51
C SER A 312 0.81 16.17 -21.12
N ILE A 313 1.22 14.99 -20.67
CA ILE A 313 2.45 14.39 -21.16
C ILE A 313 2.18 12.93 -21.46
N ARG A 314 2.80 12.43 -22.52
CA ARG A 314 2.64 11.03 -22.92
C ARG A 314 3.94 10.50 -23.47
N GLU A 315 4.20 9.21 -23.27
CA GLU A 315 5.35 8.57 -23.87
C GLU A 315 5.04 8.34 -25.34
N VAL A 316 6.05 8.49 -26.19
CA VAL A 316 5.88 8.42 -27.64
C VAL A 316 7.02 7.66 -28.32
N GLU A 317 6.67 6.91 -29.36
CA GLU A 317 7.68 6.29 -30.20
C GLU A 317 8.15 7.29 -31.24
N ASP A 318 9.47 7.33 -31.43
CA ASP A 318 10.08 8.15 -32.47
C ASP A 318 10.91 7.23 -33.36
N PRO A 319 10.93 7.48 -34.68
CA PRO A 319 11.70 6.62 -35.60
C PRO A 319 13.20 6.56 -35.31
N ARG A 320 13.74 7.65 -34.74
CA ARG A 320 15.19 7.79 -34.62
C ARG A 320 15.65 7.92 -33.17
N LYS A 321 14.95 8.73 -32.37
CA LYS A 321 15.34 9.00 -30.99
C LYS A 321 14.68 8.08 -29.96
N PRO A 322 15.48 7.55 -29.01
CA PRO A 322 14.96 6.71 -27.94
C PRO A 322 14.45 7.52 -26.75
N ASN A 323 13.66 6.87 -25.89
CA ASN A 323 13.24 7.42 -24.59
C ASN A 323 12.54 8.77 -24.73
N CYS A 324 11.55 8.81 -25.60
CA CYS A 324 10.83 10.06 -25.90
C CYS A 324 9.51 10.22 -25.14
N PHE A 325 9.21 11.46 -24.81
CA PHE A 325 7.89 11.86 -24.36
C PHE A 325 7.49 13.14 -25.07
N GLU A 326 6.20 13.49 -24.96
CA GLU A 326 5.61 14.61 -25.68
C GLU A 326 4.70 15.40 -24.75
N LEU A 327 4.84 16.72 -24.75
CA LEU A 327 3.85 17.60 -24.15
C LEU A 327 2.81 17.90 -25.22
N TYR A 328 1.54 17.86 -24.86
CA TYR A 328 0.46 18.16 -25.79
C TYR A 328 -0.73 18.72 -25.01
N ASN A 329 -1.64 19.40 -25.70
CA ASN A 329 -2.84 19.93 -25.04
C ASN A 329 -3.97 18.90 -25.21
N PRO A 330 -4.38 18.24 -24.12
CA PRO A 330 -5.37 17.18 -24.22
C PRO A 330 -6.76 17.69 -24.59
N SER A 331 -7.06 18.95 -24.26
CA SER A 331 -8.40 19.52 -24.45
C SER A 331 -8.62 20.16 -25.82
N HIS A 332 -7.54 20.48 -26.50
CA HIS A 332 -7.60 21.16 -27.80
C HIS A 332 -6.66 20.45 -28.76
N LYS A 333 -7.12 19.32 -29.31
CA LYS A 333 -6.29 18.49 -30.18
C LYS A 333 -5.84 19.27 -31.40
N GLY A 334 -4.54 19.25 -31.65
CA GLY A 334 -3.96 19.90 -32.82
C GLY A 334 -3.66 21.38 -32.61
N GLN A 335 -4.00 21.91 -31.44
CA GLN A 335 -3.81 23.34 -31.16
C GLN A 335 -2.35 23.64 -30.82
N VAL A 336 -1.84 24.76 -31.33
CA VAL A 336 -0.49 25.19 -30.95
C VAL A 336 -0.43 25.51 -29.45
N ILE A 337 0.60 25.02 -28.80
CA ILE A 337 0.84 25.24 -27.36
C ILE A 337 1.38 26.66 -27.12
N LYS A 338 0.75 27.37 -26.19
CA LYS A 338 1.18 28.70 -25.78
C LYS A 338 2.57 28.61 -25.14
N ALA A 339 3.55 29.27 -25.77
CA ALA A 339 4.92 29.31 -25.26
C ALA A 339 5.61 30.48 -25.95
N CYS A 340 6.74 30.89 -25.39
CA CYS A 340 7.56 31.86 -26.08
C CYS A 340 8.99 31.37 -26.16
N LYS A 341 9.70 31.85 -27.18
CA LYS A 341 11.10 31.52 -27.37
C LYS A 341 11.80 32.64 -28.10
N THR A 342 13.12 32.57 -28.16
CA THR A 342 13.91 33.59 -28.84
C THR A 342 14.40 33.10 -30.19
N GLU A 343 14.46 34.03 -31.14
CA GLU A 343 15.01 33.78 -32.47
C GLU A 343 16.46 34.22 -32.47
N ALA A 344 17.21 33.82 -33.50
CA ALA A 344 18.64 34.13 -33.63
C ALA A 344 18.91 35.62 -33.59
N ASP A 345 17.96 36.41 -34.11
CA ASP A 345 18.08 37.87 -34.17
C ASP A 345 17.77 38.54 -32.83
N GLY A 346 17.40 37.73 -31.83
CA GLY A 346 17.14 38.25 -30.49
C GLY A 346 15.69 38.61 -30.21
N ARG A 347 14.81 38.46 -31.19
CA ARG A 347 13.38 38.70 -30.96
C ARG A 347 12.82 37.60 -30.07
N VAL A 348 11.79 37.93 -29.29
CA VAL A 348 10.99 36.92 -28.60
C VAL A 348 9.71 36.77 -29.41
N VAL A 349 9.36 35.52 -29.73
CA VAL A 349 8.14 35.23 -30.50
C VAL A 349 7.39 34.06 -29.87
N GLU A 350 6.14 33.86 -30.29
CA GLU A 350 5.36 32.70 -29.86
C GLU A 350 5.97 31.42 -30.41
N GLY A 351 5.85 30.33 -29.65
CA GLY A 351 6.24 29.01 -30.17
C GLY A 351 5.28 28.53 -31.25
N ASN A 352 5.74 27.60 -32.06
CA ASN A 352 4.97 27.04 -33.17
C ASN A 352 4.63 25.56 -32.98
N HIS A 353 4.76 25.07 -31.74
CA HIS A 353 4.58 23.64 -31.46
C HIS A 353 3.15 23.25 -31.19
N VAL A 354 2.71 22.19 -31.86
CA VAL A 354 1.50 21.47 -31.45
C VAL A 354 1.87 20.47 -30.34
N VAL A 355 3.05 19.83 -30.48
CA VAL A 355 3.64 19.04 -29.39
C VAL A 355 5.09 19.46 -29.13
N TYR A 356 5.59 19.22 -27.92
CA TYR A 356 7.01 19.32 -27.62
C TYR A 356 7.53 17.92 -27.39
N ARG A 357 8.26 17.38 -28.37
CA ARG A 357 8.81 16.04 -28.24
C ARG A 357 10.23 16.14 -27.72
N ILE A 358 10.54 15.32 -26.71
CA ILE A 358 11.79 15.42 -25.99
C ILE A 358 12.33 14.01 -25.77
N SER A 359 13.62 13.83 -26.07
CA SER A 359 14.33 12.56 -25.93
C SER A 359 15.27 12.61 -24.73
N ALA A 360 15.14 11.61 -23.85
CA ALA A 360 16.03 11.45 -22.67
C ALA A 360 17.15 10.43 -22.94
N PRO A 361 18.30 10.56 -22.24
CA PRO A 361 19.43 9.67 -22.54
C PRO A 361 19.24 8.21 -22.09
N SER A 362 18.26 7.96 -21.22
CA SER A 362 17.99 6.62 -20.72
C SER A 362 16.48 6.44 -20.50
N PRO A 363 16.00 5.18 -20.46
CA PRO A 363 14.60 4.98 -20.09
C PRO A 363 14.29 5.48 -18.68
N GLU A 364 15.28 5.37 -17.79
CA GLU A 364 15.11 5.80 -16.40
C GLU A 364 14.91 7.32 -16.30
N GLU A 365 15.70 8.06 -17.05
CA GLU A 365 15.56 9.52 -17.07
C GLU A 365 14.26 9.97 -17.72
N LYS A 366 13.83 9.28 -18.78
CA LYS A 366 12.53 9.54 -19.37
C LYS A 366 11.43 9.37 -18.29
N GLU A 367 11.49 8.25 -17.57
CA GLU A 367 10.50 7.98 -16.52
C GLU A 367 10.52 9.06 -15.44
N GLU A 368 11.73 9.49 -15.06
CA GLU A 368 11.88 10.50 -14.01
C GLU A 368 11.27 11.84 -14.43
N TRP A 369 11.57 12.27 -15.66
CA TRP A 369 11.06 13.54 -16.18
C TRP A 369 9.54 13.52 -16.32
N MET A 370 9.02 12.41 -16.83
CA MET A 370 7.57 12.26 -16.97
C MET A 370 6.88 12.35 -15.63
N LYS A 371 7.43 11.65 -14.63
CA LYS A 371 6.87 11.68 -13.29
C LYS A 371 6.90 13.10 -12.72
N SER A 372 8.05 13.76 -12.84
CA SER A 372 8.19 15.14 -12.35
C SER A 372 7.22 16.10 -13.04
N ILE A 373 7.10 16.00 -14.35
CA ILE A 373 6.21 16.88 -15.12
C ILE A 373 4.72 16.63 -14.75
N LYS A 374 4.32 15.37 -14.67
CA LYS A 374 2.95 15.00 -14.25
C LYS A 374 2.61 15.56 -12.88
N ALA A 375 3.55 15.42 -11.94
CA ALA A 375 3.41 15.95 -10.58
C ALA A 375 3.26 17.46 -10.61
N SER A 376 4.06 18.13 -11.44
CA SER A 376 3.95 19.57 -11.60
C SER A 376 2.56 19.98 -12.11
N ILE A 377 2.06 19.27 -13.12
CA ILE A 377 0.74 19.55 -13.70
C ILE A 377 -0.42 19.34 -12.71
N SER A 378 -0.35 18.28 -11.92
CA SER A 378 -1.42 17.96 -10.97
C SER A 378 -1.42 18.97 -9.81
N ARG A 379 -0.26 19.57 -9.61
CA ARG A 379 -0.03 20.64 -8.62
C ARG A 379 -0.10 20.20 -7.15
N ASP A 380 0.51 21.01 -6.29
CA ASP A 380 0.45 20.79 -4.86
C ASP A 380 0.03 22.10 -4.19
N PRO A 381 -1.09 22.08 -3.46
CA PRO A 381 -1.67 23.31 -2.95
C PRO A 381 -0.69 24.13 -2.12
N PHE A 382 0.08 23.47 -1.26
CA PHE A 382 1.00 24.22 -0.42
C PHE A 382 2.24 24.76 -1.15
N TYR A 383 2.83 23.97 -2.05
CA TYR A 383 3.87 24.48 -2.95
C TYR A 383 3.35 25.76 -3.61
N ASP A 384 2.14 25.71 -4.14
CA ASP A 384 1.53 26.88 -4.80
C ASP A 384 1.34 28.10 -3.89
N MET A 385 0.94 27.86 -2.65
CA MET A 385 0.80 28.95 -1.67
C MET A 385 2.14 29.63 -1.34
N LEU A 386 3.19 28.82 -1.22
CA LEU A 386 4.54 29.35 -1.06
C LEU A 386 4.98 30.15 -2.27
N ALA A 387 4.75 29.59 -3.47
CA ALA A 387 5.02 30.31 -4.71
C ALA A 387 4.39 31.71 -4.70
N THR A 388 3.12 31.79 -4.29
CA THR A 388 2.37 33.05 -4.24
C THR A 388 3.00 34.08 -3.32
N ARG A 389 3.43 33.65 -2.13
CA ARG A 389 4.10 34.53 -1.18
C ARG A 389 5.42 35.03 -1.71
N LYS A 390 6.14 34.16 -2.41
CA LYS A 390 7.40 34.52 -3.02
C LYS A 390 7.22 35.59 -4.10
N ARG A 391 6.12 35.48 -4.86
CA ARG A 391 5.80 36.52 -5.84
C ARG A 391 5.45 37.87 -5.19
N ARG A 392 4.68 37.87 -4.10
CA ARG A 392 4.38 39.13 -3.38
C ARG A 392 5.58 39.74 -2.64
N ILE A 393 6.59 38.94 -2.25
CA ILE A 393 7.75 39.56 -1.65
C ILE A 393 8.32 40.47 -2.71
N ALA A 394 8.27 41.81 -2.46
CA ALA A 394 8.60 42.74 -3.51
C ALA A 394 9.23 43.95 -2.93
N ASN A 395 10.14 44.55 -3.72
CA ASN A 395 10.91 45.71 -3.35
C ASN A 395 10.08 46.97 -3.31
N LYS A 396 9.33 47.25 -4.38
CA LYS A 396 8.59 48.48 -4.35
C LYS A 396 7.18 48.11 -4.61
N LYS A 397 6.24 48.93 -4.12
CA LYS A 397 4.84 48.69 -4.33
C LYS A 397 4.45 49.57 -5.52
N MET B 1 -12.96 -34.04 54.32
CA MET B 1 -11.87 -34.20 55.31
C MET B 1 -11.86 -33.09 56.32
N GLY B 2 -11.58 -33.41 57.60
CA GLY B 2 -11.55 -32.37 58.59
C GLY B 2 -10.38 -31.48 58.23
N HIS B 3 -10.70 -30.25 57.79
CA HIS B 3 -9.70 -29.30 57.37
C HIS B 3 -10.37 -27.97 57.49
N HIS B 4 -9.85 -26.98 56.74
CA HIS B 4 -10.34 -25.62 56.65
C HIS B 4 -10.15 -25.24 55.21
N HIS B 5 -10.68 -24.08 54.74
CA HIS B 5 -10.52 -23.51 53.41
C HIS B 5 -10.73 -24.46 52.25
N HIS B 6 -11.64 -25.46 52.34
CA HIS B 6 -11.77 -26.31 51.19
C HIS B 6 -13.23 -26.47 50.88
N HIS B 7 -13.64 -26.05 49.66
CA HIS B 7 -15.00 -26.16 49.18
C HIS B 7 -15.36 -27.61 48.89
N HIS B 8 -14.55 -28.34 48.07
CA HIS B 8 -14.80 -29.70 47.63
C HIS B 8 -16.15 -29.79 46.98
N GLY B 9 -16.52 -28.73 46.22
CA GLY B 9 -17.78 -28.65 45.57
C GLY B 9 -17.59 -28.81 44.09
N SER B 10 -18.12 -27.81 43.34
CA SER B 10 -18.06 -27.72 41.91
C SER B 10 -16.85 -26.92 41.51
N PRO B 11 -16.63 -26.73 40.23
CA PRO B 11 -15.54 -25.92 39.75
C PRO B 11 -15.68 -24.45 40.05
N GLU B 12 -16.91 -23.99 40.34
CA GLU B 12 -17.22 -22.62 40.59
C GLU B 12 -17.55 -22.51 42.04
N ASP B 13 -17.37 -21.29 42.61
CA ASP B 13 -17.70 -20.98 43.99
C ASP B 13 -19.13 -20.57 44.10
N LEU B 14 -19.51 -20.18 45.33
CA LEU B 14 -20.86 -19.79 45.70
C LEU B 14 -21.13 -18.42 45.16
N SER B 15 -22.34 -18.24 44.60
CA SER B 15 -22.68 -16.94 44.11
C SER B 15 -23.74 -16.41 44.99
N LEU B 16 -23.79 -15.08 45.08
CA LEU B 16 -24.80 -14.35 45.80
C LEU B 16 -25.72 -13.70 44.83
N GLU B 17 -27.00 -13.82 45.21
CA GLU B 17 -28.21 -13.52 44.41
C GLU B 17 -28.22 -12.03 44.02
N GLU B 18 -27.95 -11.18 45.01
CA GLU B 18 -27.90 -9.72 44.79
C GLU B 18 -26.88 -9.41 43.69
N ARG B 19 -25.69 -10.01 43.82
CA ARG B 19 -24.62 -9.80 42.83
C ARG B 19 -25.12 -10.18 41.43
N GLU B 20 -25.76 -11.34 41.35
CA GLU B 20 -26.31 -11.81 40.06
C GLU B 20 -27.29 -10.76 39.49
N GLU B 21 -28.17 -10.28 40.35
CA GLU B 21 -29.16 -9.26 39.96
C GLU B 21 -28.43 -8.02 39.40
N LEU B 22 -27.40 -7.58 40.13
CA LEU B 22 -26.60 -6.43 39.72
C LEU B 22 -26.02 -6.66 38.33
N LEU B 23 -25.44 -7.85 38.13
CA LEU B 23 -24.87 -8.22 36.82
C LEU B 23 -25.94 -8.09 35.72
N ASP B 24 -27.12 -8.65 36.01
CA ASP B 24 -28.25 -8.58 35.04
C ASP B 24 -28.55 -7.11 34.72
N ILE B 25 -28.65 -6.29 35.75
CA ILE B 25 -28.92 -4.85 35.58
C ILE B 25 -27.86 -4.23 34.67
N ARG B 26 -26.60 -4.53 34.94
CA ARG B 26 -25.48 -4.02 34.13
C ARG B 26 -25.68 -4.41 32.67
N ARG B 27 -26.01 -5.68 32.44
CA ARG B 27 -26.26 -6.19 31.07
C ARG B 27 -27.37 -5.36 30.41
N ARG B 28 -28.46 -5.16 31.15
CA ARG B 28 -29.60 -4.38 30.64
C ARG B 28 -29.12 -2.97 30.25
N LYS B 29 -28.35 -2.36 31.14
CA LYS B 29 -27.80 -1.01 30.88
C LYS B 29 -27.00 -1.02 29.57
N LYS B 30 -26.14 -2.02 29.43
CA LYS B 30 -25.33 -2.15 28.20
C LYS B 30 -26.24 -2.20 26.97
N GLU B 31 -27.27 -3.04 27.06
CA GLU B 31 -28.24 -3.18 25.94
C GLU B 31 -28.85 -1.80 25.62
N LEU B 32 -29.27 -1.10 26.67
CA LEU B 32 -29.86 0.25 26.50
C LEU B 32 -28.89 1.16 25.78
N ILE B 33 -27.63 1.14 26.22
CA ILE B 33 -26.58 1.96 25.59
C ILE B 33 -26.48 1.63 24.10
N ASP B 34 -26.45 0.33 23.79
CA ASP B 34 -26.38 -0.12 22.38
C ASP B 34 -27.57 0.46 21.59
N ASP B 35 -28.76 0.35 22.18
CA ASP B 35 -29.99 0.88 21.54
C ASP B 35 -29.82 2.38 21.26
N ILE B 36 -29.33 3.11 22.27
CA ILE B 36 -29.10 4.55 22.14
C ILE B 36 -28.16 4.81 20.97
N GLU B 37 -27.07 4.06 20.90
CA GLU B 37 -26.09 4.21 19.81
C GLU B 37 -26.79 4.03 18.46
N ARG B 38 -27.59 2.97 18.37
CA ARG B 38 -28.35 2.68 17.13
C ARG B 38 -29.22 3.88 16.77
N LEU B 39 -29.93 4.40 17.76
CA LEU B 39 -30.81 5.57 17.56
C LEU B 39 -29.99 6.73 17.01
N LYS B 40 -28.83 6.98 17.63
CA LYS B 40 -27.94 8.07 17.19
C LYS B 40 -27.58 7.87 15.71
N TYR B 41 -27.20 6.65 15.36
CA TYR B 41 -26.83 6.31 13.97
C TYR B 41 -28.01 6.66 13.03
N GLU B 42 -29.20 6.23 13.44
CA GLU B 42 -30.42 6.49 12.65
C GLU B 42 -30.59 8.01 12.45
N ILE B 43 -30.43 8.76 13.54
CA ILE B 43 -30.54 10.22 13.50
C ILE B 43 -29.54 10.79 12.48
N ALA B 44 -28.31 10.31 12.56
CA ALA B 44 -27.25 10.76 11.62
C ALA B 44 -27.71 10.50 10.17
N GLU B 45 -28.21 9.29 9.93
CA GLU B 45 -28.70 8.92 8.60
C GLU B 45 -29.79 9.91 8.13
N VAL B 46 -30.73 10.17 9.04
CA VAL B 46 -31.83 11.11 8.75
C VAL B 46 -31.25 12.48 8.37
N MET B 47 -30.28 12.95 9.15
CA MET B 47 -29.63 14.23 8.88
C MET B 47 -29.03 14.23 7.47
N THR B 48 -28.33 13.15 7.14
CA THR B 48 -27.71 13.02 5.81
C THR B 48 -28.80 13.13 4.72
N GLU B 49 -29.90 12.41 4.94
CA GLU B 49 -31.03 12.44 3.99
C GLU B 49 -31.53 13.87 3.82
N ILE B 50 -31.70 14.56 4.94
CA ILE B 50 -32.16 15.96 4.93
C ILE B 50 -31.21 16.80 4.08
N ASP B 51 -29.88 16.61 4.26
CA ASP B 51 -28.87 17.42 3.63
C ASP B 51 -28.87 17.40 2.13
N ASN B 52 -28.54 18.56 1.51
CA ASN B 52 -28.53 18.60 0.06
C ASN B 52 -27.34 17.86 -0.47
N LEU B 53 -27.61 16.80 -1.27
CA LEU B 53 -26.57 16.06 -1.94
C LEU B 53 -26.92 16.15 -3.38
N THR B 54 -25.93 16.41 -4.26
CA THR B 54 -26.25 16.55 -5.66
C THR B 54 -26.64 15.25 -6.29
N SER B 55 -27.85 15.27 -6.91
CA SER B 55 -28.39 14.15 -7.62
C SER B 55 -29.67 14.61 -8.23
N VAL B 56 -30.40 13.66 -8.83
CA VAL B 56 -31.69 13.96 -9.39
C VAL B 56 -32.70 13.37 -8.45
N GLU B 57 -33.92 13.95 -8.41
CA GLU B 57 -34.99 13.63 -7.48
C GLU B 57 -35.49 12.20 -7.57
N GLU B 58 -35.74 11.64 -8.79
CA GLU B 58 -36.17 10.27 -8.86
C GLU B 58 -34.93 9.47 -9.12
N SER B 59 -34.64 8.46 -8.27
CA SER B 59 -33.46 7.69 -8.54
C SER B 59 -33.60 6.39 -7.81
N LYS B 60 -33.43 5.26 -8.54
CA LYS B 60 -33.51 3.94 -7.96
C LYS B 60 -32.35 3.70 -7.05
N TYR B 61 -31.13 3.95 -7.56
CA TYR B 61 -29.92 3.82 -6.82
C TYR B 61 -29.38 5.21 -6.85
N THR B 62 -28.28 5.49 -6.11
CA THR B 62 -27.81 6.84 -6.13
C THR B 62 -26.64 6.93 -7.05
N GLN B 63 -26.16 8.41 -7.39
CA GLN B 63 -25.14 8.74 -8.38
C GLN B 63 -23.85 7.98 -8.10
N ARG B 64 -23.37 8.08 -6.85
CA ARG B 64 -22.11 7.46 -6.49
C ARG B 64 -22.16 5.94 -6.69
N ASN B 65 -23.19 5.30 -6.13
CA ASN B 65 -23.36 3.85 -6.23
C ASN B 65 -23.48 3.37 -7.67
N ALA B 66 -24.23 4.09 -8.48
CA ALA B 66 -24.46 3.71 -9.88
C ALA B 66 -23.17 3.76 -10.68
N GLN B 67 -22.45 4.86 -10.55
CA GLN B 67 -21.19 5.09 -11.26
C GLN B 67 -20.12 4.09 -10.83
N ILE B 68 -19.97 3.87 -9.51
CA ILE B 68 -19.02 2.89 -9.01
C ILE B 68 -19.37 1.47 -9.47
N ALA B 69 -20.66 1.15 -9.51
CA ALA B 69 -21.11 -0.17 -9.98
C ALA B 69 -20.71 -0.43 -11.43
N MET B 70 -20.92 0.55 -12.29
CA MET B 70 -20.55 0.41 -13.71
C MET B 70 -19.03 0.29 -13.85
N GLY B 71 -18.30 1.09 -13.07
CA GLY B 71 -16.83 1.07 -13.05
C GLY B 71 -16.24 -0.26 -12.64
N ARG B 72 -16.87 -0.91 -11.66
CA ARG B 72 -16.46 -2.25 -11.25
C ARG B 72 -16.66 -3.25 -12.37
N LYS B 73 -17.81 -3.17 -13.05
CA LYS B 73 -18.07 -4.03 -14.21
C LYS B 73 -17.08 -3.78 -15.34
N LYS B 74 -16.71 -2.51 -15.56
CA LYS B 74 -15.68 -2.17 -16.55
C LYS B 74 -14.34 -2.80 -16.18
N PHE B 75 -13.97 -2.70 -14.90
CA PHE B 75 -12.76 -3.32 -14.39
C PHE B 75 -12.70 -4.82 -14.68
N ASN B 76 -13.82 -5.51 -14.43
CA ASN B 76 -13.89 -6.96 -14.64
C ASN B 76 -13.73 -7.36 -16.11
N MET B 77 -14.11 -6.46 -17.00
CA MET B 77 -13.97 -6.68 -18.45
C MET B 77 -12.53 -6.42 -18.90
N ASP B 78 -11.94 -5.36 -18.36
CA ASP B 78 -10.60 -4.91 -18.69
C ASP B 78 -10.10 -4.08 -17.51
N PRO B 79 -9.24 -4.67 -16.66
CA PRO B 79 -8.84 -3.98 -15.42
C PRO B 79 -8.23 -2.61 -15.66
N LYS B 80 -7.41 -2.49 -16.70
CA LYS B 80 -6.79 -1.23 -17.04
C LYS B 80 -7.83 -0.15 -17.37
N LYS B 81 -8.84 -0.54 -18.14
CA LYS B 81 -9.91 0.38 -18.54
C LYS B 81 -10.82 0.77 -17.37
N GLY B 82 -11.09 -0.19 -16.49
CA GLY B 82 -11.90 0.05 -15.31
C GLY B 82 -11.29 1.04 -14.35
N ILE B 83 -10.03 0.80 -13.98
CA ILE B 83 -9.25 1.74 -13.17
C ILE B 83 -9.27 3.14 -13.80
N GLN B 84 -9.00 3.21 -15.10
CA GLN B 84 -9.02 4.48 -15.83
C GLN B 84 -10.37 5.19 -15.71
N PHE B 85 -11.47 4.45 -15.93
CA PHE B 85 -12.82 5.00 -15.79
C PHE B 85 -13.06 5.59 -14.40
N LEU B 86 -12.69 4.84 -13.37
CA LEU B 86 -12.87 5.26 -11.98
C LEU B 86 -12.03 6.48 -11.62
N ILE B 87 -10.82 6.55 -12.16
CA ILE B 87 -9.95 7.70 -11.93
C ILE B 87 -10.48 8.95 -12.65
N GLU B 88 -10.73 8.81 -13.96
CA GLU B 88 -11.28 9.90 -14.80
C GLU B 88 -12.53 10.55 -14.20
N ASN B 89 -13.38 9.74 -13.59
CA ASN B 89 -14.67 10.21 -13.08
C ASN B 89 -14.67 10.43 -11.58
N ASP B 90 -13.48 10.55 -11.03
CA ASP B 90 -13.22 10.86 -9.61
C ASP B 90 -13.90 9.92 -8.60
N LEU B 91 -14.03 8.65 -8.98
CA LEU B 91 -14.58 7.63 -8.10
C LEU B 91 -13.46 6.90 -7.37
N LEU B 92 -12.23 7.23 -7.74
CA LEU B 92 -11.02 6.58 -7.24
C LEU B 92 -9.83 7.51 -7.50
N GLN B 93 -8.98 7.68 -6.50
CA GLN B 93 -7.80 8.53 -6.64
C GLN B 93 -6.68 7.80 -7.38
N SER B 94 -5.77 8.57 -7.97
CA SER B 94 -4.86 8.07 -9.01
C SER B 94 -3.59 7.34 -8.54
N SER B 95 -3.30 7.39 -7.24
CA SER B 95 -2.06 6.78 -6.72
C SER B 95 -2.14 5.25 -6.66
N PRO B 96 -0.96 4.57 -6.69
CA PRO B 96 -0.91 3.11 -6.51
C PRO B 96 -1.59 2.64 -5.22
N GLU B 97 -1.43 3.41 -4.14
CA GLU B 97 -2.03 3.09 -2.84
C GLU B 97 -3.56 3.07 -2.85
N ASP B 98 -4.16 4.04 -3.52
CA ASP B 98 -5.62 4.12 -3.61
C ASP B 98 -6.16 3.00 -4.47
N VAL B 99 -5.51 2.75 -5.61
CA VAL B 99 -5.88 1.63 -6.48
C VAL B 99 -5.76 0.30 -5.73
N ALA B 100 -4.67 0.15 -4.97
CA ALA B 100 -4.47 -1.06 -4.17
C ALA B 100 -5.57 -1.23 -3.12
N GLN B 101 -5.98 -0.13 -2.48
CA GLN B 101 -7.07 -0.19 -1.50
C GLN B 101 -8.39 -0.63 -2.15
N PHE B 102 -8.64 -0.15 -3.36
CA PHE B 102 -9.81 -0.52 -4.17
C PHE B 102 -9.79 -2.02 -4.47
N LEU B 103 -8.62 -2.53 -4.83
CA LEU B 103 -8.44 -3.94 -5.18
C LEU B 103 -8.56 -4.84 -3.97
N TYR B 104 -7.96 -4.40 -2.87
CA TYR B 104 -8.01 -5.11 -1.59
C TYR B 104 -9.43 -5.21 -1.05
N LYS B 105 -10.14 -4.09 -1.01
CA LYS B 105 -11.57 -4.14 -0.71
C LYS B 105 -12.26 -5.13 -1.64
N GLY B 106 -12.05 -4.96 -2.96
CA GLY B 106 -12.47 -5.95 -3.95
C GLY B 106 -13.96 -6.14 -4.13
N GLU B 107 -14.74 -5.13 -3.73
CA GLU B 107 -16.19 -5.19 -3.79
C GLU B 107 -16.68 -5.32 -5.24
N GLY B 108 -17.41 -6.40 -5.51
CA GLY B 108 -17.97 -6.65 -6.85
C GLY B 108 -16.90 -6.87 -7.91
N LEU B 109 -15.68 -7.17 -7.48
CA LEU B 109 -14.56 -7.43 -8.39
C LEU B 109 -14.26 -8.92 -8.56
N ASN B 110 -13.95 -9.30 -9.80
CA ASN B 110 -13.54 -10.66 -10.14
C ASN B 110 -12.10 -10.84 -9.66
N LYS B 111 -11.89 -11.78 -8.75
CA LYS B 111 -10.56 -11.95 -8.13
C LYS B 111 -9.48 -12.53 -9.05
N THR B 112 -9.92 -13.21 -10.11
CA THR B 112 -9.04 -13.68 -11.17
C THR B 112 -8.50 -12.49 -11.94
N VAL B 113 -9.37 -11.54 -12.26
CA VAL B 113 -8.97 -10.29 -12.91
C VAL B 113 -8.05 -9.47 -12.01
N ILE B 114 -8.33 -9.43 -10.70
CA ILE B 114 -7.40 -8.79 -9.77
C ILE B 114 -5.98 -9.38 -9.90
N GLY B 115 -5.91 -10.70 -9.88
CA GLY B 115 -4.64 -11.42 -10.09
C GLY B 115 -3.96 -11.13 -11.42
N ASP B 116 -4.75 -11.04 -12.49
CA ASP B 116 -4.20 -10.74 -13.83
C ASP B 116 -3.53 -9.37 -13.81
N TYR B 117 -4.19 -8.41 -13.16
CA TYR B 117 -3.76 -7.01 -13.12
C TYR B 117 -2.53 -6.81 -12.24
N LEU B 118 -2.55 -7.39 -11.04
CA LEU B 118 -1.44 -7.26 -10.10
C LEU B 118 -0.15 -7.95 -10.59
N GLY B 119 -0.32 -8.96 -11.44
CA GLY B 119 0.82 -9.71 -11.98
C GLY B 119 1.48 -9.14 -13.22
N GLU B 120 0.97 -8.02 -13.74
CA GLU B 120 1.56 -7.36 -14.92
C GLU B 120 2.91 -6.72 -14.60
N ARG B 121 3.79 -6.68 -15.60
CA ARG B 121 5.15 -6.16 -15.41
C ARG B 121 5.27 -4.64 -15.52
N ASP B 122 4.16 -3.96 -15.83
CA ASP B 122 4.14 -2.50 -15.93
C ASP B 122 4.52 -1.85 -14.61
N ASP B 123 5.18 -0.69 -14.69
CA ASP B 123 5.66 0.02 -13.50
C ASP B 123 4.56 0.39 -12.50
N PHE B 124 3.42 0.88 -13.00
CA PHE B 124 2.28 1.22 -12.15
C PHE B 124 1.75 -0.01 -11.42
N ASN B 125 1.52 -1.09 -12.17
CA ASN B 125 1.05 -2.35 -11.61
C ASN B 125 1.98 -2.92 -10.52
N ILE B 126 3.29 -2.80 -10.76
CA ILE B 126 4.30 -3.23 -9.79
C ILE B 126 4.14 -2.46 -8.48
N LYS B 127 3.87 -1.17 -8.59
CA LYS B 127 3.69 -0.32 -7.41
C LYS B 127 2.38 -0.62 -6.69
N VAL B 128 1.34 -0.95 -7.46
CA VAL B 128 0.06 -1.35 -6.89
C VAL B 128 0.22 -2.67 -6.14
N LEU B 129 0.92 -3.63 -6.76
CA LEU B 129 1.19 -4.90 -6.09
C LEU B 129 1.90 -4.73 -4.75
N GLN B 130 2.91 -3.85 -4.70
CA GLN B 130 3.59 -3.56 -3.43
C GLN B 130 2.62 -3.02 -2.38
N ALA B 131 1.82 -2.02 -2.74
CA ALA B 131 0.85 -1.44 -1.83
C ALA B 131 -0.22 -2.45 -1.41
N PHE B 132 -0.58 -3.34 -2.35
CA PHE B 132 -1.57 -4.39 -2.13
C PHE B 132 -1.09 -5.38 -1.05
N VAL B 133 0.17 -5.80 -1.13
CA VAL B 133 0.70 -6.71 -0.11
C VAL B 133 0.91 -5.99 1.21
N GLU B 134 1.18 -4.69 1.16
CA GLU B 134 1.30 -3.84 2.36
C GLU B 134 -0.02 -3.71 3.13
N LEU B 135 -1.14 -3.92 2.44
CA LEU B 135 -2.46 -3.93 3.07
C LEU B 135 -2.75 -5.24 3.81
N HIS B 136 -1.91 -6.24 3.56
CA HIS B 136 -1.95 -7.48 4.29
C HIS B 136 -1.02 -7.35 5.49
N GLU B 137 -1.56 -7.63 6.67
CA GLU B 137 -0.82 -7.44 7.91
C GLU B 137 -0.28 -8.79 8.37
N PHE B 138 0.98 -9.05 8.05
CA PHE B 138 1.60 -10.37 8.26
C PHE B 138 2.36 -10.56 9.57
N ALA B 139 2.55 -9.48 10.33
CA ALA B 139 3.29 -9.57 11.60
C ALA B 139 2.61 -10.50 12.59
N ASP B 140 3.40 -11.41 13.17
CA ASP B 140 2.93 -12.34 14.21
C ASP B 140 2.02 -13.45 13.69
N LEU B 141 2.02 -13.62 12.37
CA LEU B 141 1.32 -14.73 11.74
C LEU B 141 2.37 -15.72 11.28
N ASN B 142 2.10 -17.01 11.39
CA ASN B 142 2.95 -18.02 10.76
C ASN B 142 2.72 -17.99 9.26
N LEU B 143 3.57 -18.69 8.51
CA LEU B 143 3.56 -18.58 7.05
C LEU B 143 2.25 -19.03 6.39
N VAL B 144 1.61 -20.05 6.96
CA VAL B 144 0.31 -20.56 6.48
C VAL B 144 -0.80 -19.52 6.72
N GLN B 145 -0.86 -18.99 7.95
CA GLN B 145 -1.79 -17.92 8.31
C GLN B 145 -1.74 -16.71 7.35
N ALA B 146 -0.52 -16.29 7.02
CA ALA B 146 -0.30 -15.20 6.07
C ALA B 146 -0.73 -15.61 4.65
N LEU B 147 -0.40 -16.84 4.27
CA LEU B 147 -0.79 -17.36 2.97
C LEU B 147 -2.30 -17.41 2.82
N ARG B 148 -3.00 -17.83 3.88
CA ARG B 148 -4.48 -17.90 3.85
C ARG B 148 -5.10 -16.55 3.54
N GLN B 149 -4.59 -15.50 4.19
CA GLN B 149 -5.10 -14.15 3.95
C GLN B 149 -4.79 -13.68 2.52
N PHE B 150 -3.55 -13.86 2.10
CA PHE B 150 -3.10 -13.43 0.79
C PHE B 150 -3.90 -14.12 -0.32
N LEU B 151 -4.05 -15.44 -0.20
CA LEU B 151 -4.76 -16.24 -1.21
C LEU B 151 -6.29 -16.08 -1.18
N TRP B 152 -6.82 -15.36 -0.20
CA TRP B 152 -8.23 -14.97 -0.26
C TRP B 152 -8.46 -13.71 -1.13
N SER B 153 -7.42 -12.88 -1.27
CA SER B 153 -7.58 -11.55 -1.85
C SER B 153 -7.60 -11.46 -3.38
N PHE B 154 -7.21 -12.57 -4.03
CA PHE B 154 -7.07 -12.61 -5.48
C PHE B 154 -6.89 -14.09 -5.87
N ARG B 155 -6.98 -14.37 -7.16
CA ARG B 155 -6.69 -15.71 -7.70
C ARG B 155 -5.40 -15.67 -8.48
N LEU B 156 -4.54 -16.66 -8.24
CA LEU B 156 -3.25 -16.76 -8.91
C LEU B 156 -3.43 -16.78 -10.42
N PRO B 157 -2.65 -15.96 -11.15
CA PRO B 157 -2.65 -15.98 -12.61
C PRO B 157 -2.10 -17.32 -13.14
N GLY B 158 -2.32 -17.58 -14.43
CA GLY B 158 -1.84 -18.82 -15.06
C GLY B 158 -0.42 -18.75 -15.58
N GLU B 159 0.01 -17.55 -15.95
CA GLU B 159 1.36 -17.29 -16.46
C GLU B 159 2.39 -17.42 -15.36
N ALA B 160 3.42 -18.23 -15.62
CA ALA B 160 4.49 -18.49 -14.67
C ALA B 160 5.19 -17.22 -14.17
N GLN B 161 5.43 -16.29 -15.10
CA GLN B 161 6.06 -15.00 -14.79
C GLN B 161 5.23 -14.18 -13.80
N LYS B 162 3.91 -14.24 -13.98
CA LYS B 162 2.98 -13.49 -13.15
C LYS B 162 2.87 -14.09 -11.75
N ILE B 163 2.81 -15.42 -11.67
CA ILE B 163 2.81 -16.14 -10.39
C ILE B 163 4.06 -15.78 -9.58
N ASP B 164 5.19 -15.70 -10.28
CA ASP B 164 6.46 -15.36 -9.66
C ASP B 164 6.45 -13.99 -9.00
N ARG B 165 5.98 -12.98 -9.72
CA ARG B 165 5.95 -11.60 -9.22
C ARG B 165 5.15 -11.49 -7.94
N MET B 166 4.04 -12.21 -7.88
CA MET B 166 3.11 -12.08 -6.77
C MET B 166 3.58 -12.83 -5.54
N MET B 167 4.19 -13.99 -5.76
CA MET B 167 4.74 -14.76 -4.66
C MET B 167 6.04 -14.14 -4.14
N GLU B 168 6.78 -13.47 -5.01
CA GLU B 168 7.93 -12.67 -4.60
C GLU B 168 7.50 -11.49 -3.71
N ALA B 169 6.45 -10.78 -4.13
CA ALA B 169 5.90 -9.69 -3.32
C ALA B 169 5.42 -10.20 -1.96
N PHE B 170 4.73 -11.34 -1.97
CA PHE B 170 4.27 -11.95 -0.73
C PHE B 170 5.44 -12.31 0.21
N ALA B 171 6.41 -13.06 -0.32
CA ALA B 171 7.56 -13.52 0.46
C ALA B 171 8.36 -12.34 1.04
N SER B 172 8.59 -11.31 0.24
CA SER B 172 9.29 -10.11 0.72
C SER B 172 8.55 -9.43 1.86
N ARG B 173 7.24 -9.29 1.70
CA ARG B 173 6.38 -8.70 2.73
C ARG B 173 6.40 -9.54 4.02
N TYR B 174 6.25 -10.86 3.88
CA TYR B 174 6.25 -11.72 5.05
C TYR B 174 7.56 -11.54 5.86
N CYS B 175 8.68 -11.55 5.15
CA CYS B 175 10.00 -11.49 5.80
C CYS B 175 10.24 -10.14 6.47
N LEU B 176 9.71 -9.07 5.89
CA LEU B 176 9.82 -7.75 6.49
C LEU B 176 8.95 -7.64 7.74
N CYS B 177 7.79 -8.29 7.73
CA CYS B 177 6.87 -8.30 8.87
C CYS B 177 7.33 -9.25 9.97
N ASN B 178 8.15 -10.23 9.58
CA ASN B 178 8.62 -11.25 10.51
C ASN B 178 10.13 -11.45 10.38
N PRO B 179 10.91 -10.43 10.76
CA PRO B 179 12.35 -10.53 10.53
C PRO B 179 13.01 -11.62 11.36
N GLY B 180 14.00 -12.29 10.78
CA GLY B 180 14.78 -13.30 11.48
C GLY B 180 14.22 -14.70 11.40
N VAL B 181 13.01 -14.86 10.84
CA VAL B 181 12.36 -16.17 10.71
C VAL B 181 13.00 -17.01 9.60
N PHE B 182 13.13 -16.42 8.41
CA PHE B 182 13.79 -17.07 7.28
C PHE B 182 15.08 -16.33 6.93
N GLN B 183 16.06 -17.09 6.47
CA GLN B 183 17.38 -16.52 6.17
C GLN B 183 17.35 -15.63 4.93
N SER B 184 16.43 -15.93 4.02
CA SER B 184 16.28 -15.19 2.78
C SER B 184 14.83 -15.17 2.31
N THR B 185 14.52 -14.20 1.45
CA THR B 185 13.24 -14.15 0.74
C THR B 185 13.02 -15.41 -0.09
N ASP B 186 14.12 -15.90 -0.70
CA ASP B 186 14.10 -17.14 -1.48
C ASP B 186 13.62 -18.33 -0.67
N THR B 187 14.07 -18.42 0.59
CA THR B 187 13.64 -19.47 1.51
C THR B 187 12.13 -19.41 1.74
N CYS B 188 11.63 -18.22 2.04
CA CYS B 188 10.21 -17.99 2.27
C CYS B 188 9.39 -18.38 1.04
N TYR B 189 9.86 -17.93 -0.12
CA TYR B 189 9.23 -18.21 -1.42
C TYR B 189 9.12 -19.72 -1.69
N VAL B 190 10.23 -20.44 -1.57
CA VAL B 190 10.26 -21.87 -1.86
C VAL B 190 9.44 -22.67 -0.84
N LEU B 191 9.53 -22.28 0.44
CA LEU B 191 8.71 -22.91 1.46
C LEU B 191 7.23 -22.67 1.23
N SER B 192 6.88 -21.49 0.74
CA SER B 192 5.49 -21.16 0.42
C SER B 192 4.92 -22.14 -0.59
N PHE B 193 5.67 -22.41 -1.65
CA PHE B 193 5.25 -23.41 -2.67
C PHE B 193 5.28 -24.85 -2.15
N ALA B 194 6.17 -25.13 -1.19
CA ALA B 194 6.14 -26.42 -0.47
C ALA B 194 4.81 -26.59 0.27
N ILE B 195 4.34 -25.51 0.90
CA ILE B 195 3.05 -25.50 1.59
C ILE B 195 1.90 -25.69 0.61
N ILE B 196 1.98 -25.02 -0.54
CA ILE B 196 0.97 -25.14 -1.59
C ILE B 196 0.91 -26.57 -2.15
N MET B 197 2.08 -27.18 -2.37
CA MET B 197 2.11 -28.58 -2.82
C MET B 197 1.56 -29.53 -1.77
N LEU B 198 1.86 -29.26 -0.50
CA LEU B 198 1.31 -30.04 0.61
C LEU B 198 -0.21 -29.96 0.68
N ASN B 199 -0.76 -28.79 0.37
CA ASN B 199 -2.21 -28.60 0.33
C ASN B 199 -2.83 -29.52 -0.70
N THR B 200 -2.25 -29.54 -1.89
CA THR B 200 -2.67 -30.45 -2.95
C THR B 200 -2.51 -31.90 -2.49
N SER B 201 -1.32 -32.23 -1.99
CA SER B 201 -1.01 -33.59 -1.53
C SER B 201 -2.01 -34.13 -0.52
N LEU B 202 -2.31 -33.34 0.50
CA LEU B 202 -3.18 -33.78 1.60
C LEU B 202 -4.67 -33.71 1.27
N HIS B 203 -5.07 -32.84 0.34
CA HIS B 203 -6.49 -32.56 0.13
C HIS B 203 -7.06 -32.94 -1.24
N ASN B 204 -6.21 -33.26 -2.20
CA ASN B 204 -6.68 -33.80 -3.48
C ASN B 204 -6.59 -35.33 -3.45
N HIS B 205 -7.69 -36.00 -3.75
CA HIS B 205 -7.76 -37.47 -3.66
C HIS B 205 -6.95 -38.17 -4.75
N ASN B 206 -6.71 -37.48 -5.86
CA ASN B 206 -5.87 -37.98 -6.94
C ASN B 206 -4.41 -38.15 -6.49
N VAL B 207 -4.11 -37.71 -5.27
CA VAL B 207 -2.77 -37.85 -4.70
C VAL B 207 -2.77 -38.92 -3.62
N ARG B 208 -2.06 -40.02 -3.87
CA ARG B 208 -2.04 -41.16 -2.97
C ARG B 208 -1.03 -41.02 -1.82
N ASP B 209 0.14 -40.47 -2.12
CA ASP B 209 1.17 -40.27 -1.10
C ASP B 209 0.84 -39.09 -0.20
N LYS B 210 0.29 -39.39 0.97
CA LYS B 210 -0.03 -38.38 1.97
C LYS B 210 1.11 -38.26 2.96
N PRO B 211 1.97 -37.23 2.78
CA PRO B 211 3.16 -37.08 3.62
C PRO B 211 2.79 -36.90 5.09
N THR B 212 3.58 -37.51 5.98
CA THR B 212 3.44 -37.31 7.42
C THR B 212 4.19 -36.03 7.84
N ALA B 213 3.96 -35.57 9.06
CA ALA B 213 4.66 -34.42 9.61
C ALA B 213 6.18 -34.59 9.54
N GLU B 214 6.66 -35.79 9.88
CA GLU B 214 8.08 -36.13 9.82
C GLU B 214 8.59 -36.08 8.39
N ARG B 215 7.78 -36.57 7.46
CA ARG B 215 8.12 -36.55 6.03
C ARG B 215 8.27 -35.11 5.51
N PHE B 216 7.37 -34.22 5.91
CA PHE B 216 7.41 -32.82 5.46
C PHE B 216 8.63 -32.09 6.02
N ILE B 217 9.03 -32.42 7.24
CA ILE B 217 10.27 -31.92 7.84
C ILE B 217 11.47 -32.34 7.00
N THR B 218 11.53 -33.60 6.62
CA THR B 218 12.63 -34.14 5.82
C THR B 218 12.72 -33.52 4.42
N MET B 219 11.56 -33.28 3.80
CA MET B 219 11.51 -32.70 2.45
C MET B 219 12.06 -31.28 2.36
N ASN B 220 12.04 -30.56 3.48
CA ASN B 220 12.49 -29.18 3.53
C ASN B 220 13.88 -29.02 4.14
N ARG B 221 14.67 -30.10 4.08
CA ARG B 221 16.04 -30.08 4.58
C ARG B 221 16.92 -29.18 3.72
N GLY B 222 17.66 -28.29 4.38
CA GLY B 222 18.58 -27.38 3.71
C GLY B 222 17.95 -26.16 3.07
N ILE B 223 16.64 -25.99 3.25
CA ILE B 223 15.89 -24.90 2.59
C ILE B 223 16.33 -23.50 3.07
N ASN B 224 16.75 -23.41 4.32
CA ASN B 224 17.13 -22.13 4.92
C ASN B 224 18.56 -21.72 4.54
N GLU B 225 18.78 -21.55 3.24
CA GLU B 225 20.09 -21.24 2.67
C GLU B 225 21.16 -22.26 3.08
N GLY B 226 20.81 -23.54 2.97
CA GLY B 226 21.70 -24.64 3.35
C GLY B 226 21.37 -25.21 4.71
N GLY B 227 20.90 -24.36 5.62
CA GLY B 227 20.51 -24.79 6.96
C GLY B 227 19.10 -25.33 7.02
N ASP B 228 18.76 -25.91 8.17
CA ASP B 228 17.41 -26.43 8.41
C ASP B 228 16.59 -25.47 9.25
N LEU B 229 15.32 -25.35 8.92
CA LEU B 229 14.36 -24.60 9.72
C LEU B 229 14.00 -25.42 10.97
N PRO B 230 13.56 -24.73 12.05
CA PRO B 230 13.15 -25.42 13.28
C PRO B 230 12.02 -26.42 13.02
N GLU B 231 12.17 -27.62 13.58
CA GLU B 231 11.20 -28.70 13.43
C GLU B 231 9.81 -28.29 13.92
N GLU B 232 9.77 -27.52 15.01
CA GLU B 232 8.51 -27.02 15.57
C GLU B 232 7.78 -26.11 14.58
N LEU B 233 8.53 -25.23 13.92
CA LEU B 233 7.97 -24.32 12.92
C LEU B 233 7.32 -25.10 11.77
N LEU B 234 8.06 -26.07 11.23
CA LEU B 234 7.56 -26.89 10.13
C LEU B 234 6.35 -27.74 10.52
N ARG B 235 6.31 -28.18 11.78
CA ARG B 235 5.19 -28.97 12.29
C ARG B 235 3.91 -28.15 12.38
N ASN B 236 4.04 -26.92 12.86
CA ASN B 236 2.89 -26.01 12.97
C ASN B 236 2.26 -25.74 11.59
N LEU B 237 3.13 -25.50 10.59
CA LEU B 237 2.68 -25.29 9.21
C LEU B 237 1.97 -26.53 8.65
N TYR B 238 2.61 -27.69 8.81
CA TYR B 238 2.04 -28.97 8.38
C TYR B 238 0.66 -29.25 8.99
N GLU B 239 0.55 -29.05 10.31
CA GLU B 239 -0.70 -29.31 11.04
C GLU B 239 -1.83 -28.34 10.69
N SER B 240 -1.48 -27.09 10.38
CA SER B 240 -2.47 -26.08 9.99
C SER B 240 -3.12 -26.46 8.67
N ILE B 241 -2.28 -26.81 7.69
CA ILE B 241 -2.74 -27.26 6.38
C ILE B 241 -3.53 -28.58 6.47
N LYS B 242 -3.00 -29.52 7.26
CA LYS B 242 -3.68 -30.80 7.47
C LYS B 242 -5.09 -30.58 8.05
N ASN B 243 -5.17 -29.74 9.07
CA ASN B 243 -6.45 -29.40 9.71
C ASN B 243 -7.44 -28.66 8.78
N GLU B 244 -6.94 -27.68 8.04
CA GLU B 244 -7.78 -26.91 7.13
C GLU B 244 -7.07 -26.58 5.81
N PRO B 245 -7.65 -27.02 4.68
CA PRO B 245 -7.09 -26.67 3.38
C PRO B 245 -7.21 -25.17 3.07
N PHE B 246 -6.45 -24.70 2.09
CA PHE B 246 -6.57 -23.31 1.66
C PHE B 246 -7.99 -23.08 1.14
N LYS B 247 -8.64 -22.06 1.68
CA LYS B 247 -9.93 -21.61 1.18
C LYS B 247 -9.68 -20.60 0.06
N ILE B 248 -10.23 -20.92 -1.11
CA ILE B 248 -9.99 -20.18 -2.33
C ILE B 248 -11.29 -19.52 -2.79
N PRO B 249 -11.23 -18.22 -3.15
CA PRO B 249 -12.43 -17.48 -3.57
C PRO B 249 -12.84 -17.83 -5.00
N GLU B 250 -14.15 -17.75 -5.27
CA GLU B 250 -14.69 -18.05 -6.60
C GLU B 250 -14.14 -19.38 -7.10
N ASP B 251 -14.07 -20.36 -6.21
CA ASP B 251 -13.36 -21.60 -6.48
C ASP B 251 -14.03 -22.43 -7.57
N ASP B 252 -13.27 -22.73 -8.61
CA ASP B 252 -13.74 -23.51 -9.75
C ASP B 252 -13.26 -24.96 -9.67
N GLY B 253 -12.47 -25.28 -8.65
CA GLY B 253 -11.90 -26.60 -8.47
C GLY B 253 -10.62 -26.83 -9.24
N ASN B 254 -10.24 -25.85 -10.06
CA ASN B 254 -9.06 -25.95 -10.92
C ASN B 254 -7.84 -25.18 -10.40
N ASP B 255 -7.91 -24.68 -9.17
CA ASP B 255 -6.87 -23.79 -8.64
C ASP B 255 -5.54 -24.51 -8.44
N LEU B 256 -4.46 -23.76 -8.62
CA LEU B 256 -3.11 -24.28 -8.41
C LEU B 256 -2.96 -24.90 -7.02
N THR B 257 -3.50 -24.26 -6.00
CA THR B 257 -3.40 -24.76 -4.61
C THR B 257 -3.98 -26.16 -4.41
N TYR B 258 -4.90 -26.55 -5.30
CA TYR B 258 -5.56 -27.85 -5.22
C TYR B 258 -4.99 -28.84 -6.24
N THR B 259 -4.27 -28.33 -7.24
CA THR B 259 -3.79 -29.14 -8.36
C THR B 259 -2.31 -28.91 -8.66
N PHE B 260 -1.52 -28.72 -7.61
CA PHE B 260 -0.06 -28.58 -7.70
C PHE B 260 0.59 -29.93 -7.38
N PHE B 261 0.74 -30.73 -8.42
CA PHE B 261 1.22 -32.10 -8.29
C PHE B 261 2.74 -32.20 -8.43
N ASN B 262 3.32 -33.21 -7.79
CA ASN B 262 4.72 -33.53 -7.95
C ASN B 262 4.91 -34.14 -9.35
N PRO B 263 5.75 -33.50 -10.19
CA PRO B 263 5.92 -33.92 -11.57
C PRO B 263 7.01 -34.96 -11.75
N ASP B 264 7.55 -35.45 -10.65
CA ASP B 264 8.71 -36.35 -10.70
C ASP B 264 8.42 -37.72 -10.13
N ARG B 265 9.03 -38.73 -10.74
CA ARG B 265 8.77 -40.11 -10.35
C ARG B 265 9.91 -40.99 -10.84
N GLU B 266 10.10 -42.09 -10.12
CA GLU B 266 11.06 -43.12 -10.52
C GLU B 266 10.47 -44.50 -10.32
N GLY B 267 10.90 -45.45 -11.14
CA GLY B 267 10.40 -46.81 -10.98
C GLY B 267 10.56 -47.67 -12.21
N TRP B 268 10.17 -48.93 -12.06
CA TRP B 268 10.28 -49.94 -13.11
C TRP B 268 9.09 -49.92 -14.04
N LEU B 269 9.37 -49.99 -15.33
CA LEU B 269 8.33 -50.13 -16.32
C LEU B 269 8.84 -51.02 -17.42
N LEU B 270 7.93 -51.63 -18.17
CA LEU B 270 8.29 -52.25 -19.43
C LEU B 270 7.98 -51.26 -20.54
N LYS B 271 8.86 -51.22 -21.54
CA LYS B 271 8.64 -50.37 -22.70
C LYS B 271 8.78 -51.21 -23.96
N LEU B 272 7.96 -50.89 -24.95
CA LEU B 272 7.99 -51.56 -26.24
C LEU B 272 8.98 -50.83 -27.16
N GLY B 273 9.77 -51.60 -27.90
CA GLY B 273 10.79 -51.03 -28.80
C GLY B 273 10.20 -50.22 -29.93
N GLY B 274 11.07 -49.49 -30.65
CA GLY B 274 10.62 -48.59 -31.72
C GLY B 274 10.35 -49.27 -33.04
N ARG B 275 11.41 -49.46 -33.83
CA ARG B 275 11.29 -50.20 -35.10
C ARG B 275 11.04 -51.67 -34.82
N VAL B 276 11.88 -52.25 -33.96
CA VAL B 276 11.72 -53.63 -33.50
C VAL B 276 10.91 -53.64 -32.19
N LYS B 277 9.72 -54.24 -32.23
CA LYS B 277 8.79 -54.17 -31.09
C LYS B 277 9.02 -55.27 -30.06
N THR B 278 10.11 -55.12 -29.32
CA THR B 278 10.39 -56.03 -28.21
C THR B 278 10.19 -55.30 -26.89
N TRP B 279 9.67 -56.02 -25.89
CA TRP B 279 9.41 -55.47 -24.57
C TRP B 279 10.66 -55.57 -23.69
N LYS B 280 11.04 -54.48 -23.04
CA LYS B 280 12.20 -54.46 -22.18
C LYS B 280 11.87 -53.81 -20.86
N ARG B 281 12.35 -54.42 -19.76
CA ARG B 281 12.24 -53.78 -18.45
C ARG B 281 13.35 -52.77 -18.23
N ARG B 282 12.97 -51.56 -17.86
CA ARG B 282 13.92 -50.47 -17.69
C ARG B 282 13.58 -49.67 -16.43
N TRP B 283 14.60 -49.11 -15.80
CA TRP B 283 14.42 -48.20 -14.66
C TRP B 283 14.19 -46.81 -15.24
N PHE B 284 13.04 -46.23 -14.93
CA PHE B 284 12.65 -44.92 -15.47
C PHE B 284 12.78 -43.84 -14.43
N ILE B 285 13.28 -42.67 -14.85
CA ILE B 285 13.29 -41.47 -14.01
C ILE B 285 12.62 -40.35 -14.80
N LEU B 286 11.53 -39.83 -14.25
CA LEU B 286 10.88 -38.66 -14.78
C LEU B 286 11.42 -37.45 -14.02
N THR B 287 12.09 -36.57 -14.73
CA THR B 287 12.65 -35.34 -14.17
C THR B 287 12.86 -34.35 -15.31
N ASP B 288 12.75 -33.06 -15.00
CA ASP B 288 12.99 -32.00 -15.97
C ASP B 288 12.13 -32.17 -17.24
N ASN B 289 10.88 -32.60 -17.06
CA ASN B 289 9.95 -32.88 -18.16
C ASN B 289 10.52 -33.85 -19.21
N CYS B 290 11.33 -34.79 -18.73
CA CYS B 290 11.92 -35.82 -19.57
C CYS B 290 11.80 -37.17 -18.88
N LEU B 291 11.62 -38.20 -19.70
CA LEU B 291 11.59 -39.59 -19.24
C LEU B 291 12.92 -40.23 -19.59
N TYR B 292 13.76 -40.44 -18.58
CA TYR B 292 15.05 -41.09 -18.75
C TYR B 292 14.86 -42.56 -18.41
N TYR B 293 15.39 -43.47 -19.23
CA TYR B 293 15.31 -44.89 -18.89
C TYR B 293 16.68 -45.55 -18.92
N PHE B 294 16.90 -46.51 -18.02
CA PHE B 294 18.21 -47.14 -17.80
C PHE B 294 18.08 -48.66 -17.85
N GLU B 295 19.09 -49.35 -18.37
CA GLU B 295 19.09 -50.81 -18.35
C GLU B 295 19.13 -51.31 -16.89
N TYR B 296 20.10 -50.82 -16.13
CA TYR B 296 20.25 -51.16 -14.71
C TYR B 296 20.22 -49.92 -13.83
N THR B 297 19.74 -50.09 -12.60
CA THR B 297 19.71 -49.01 -11.60
C THR B 297 21.09 -48.44 -11.30
N THR B 298 22.13 -49.21 -11.62
CA THR B 298 23.50 -48.84 -11.36
C THR B 298 24.18 -48.15 -12.55
N ASP B 299 23.46 -48.05 -13.68
CA ASP B 299 24.03 -47.39 -14.87
C ASP B 299 24.17 -45.90 -14.64
N LYS B 300 25.31 -45.34 -15.04
CA LYS B 300 25.50 -43.91 -14.95
C LYS B 300 24.81 -43.18 -16.10
N GLU B 301 24.82 -43.79 -17.28
CA GLU B 301 24.24 -43.18 -18.46
C GLU B 301 22.91 -43.83 -18.84
N PRO B 302 21.90 -43.01 -19.20
CA PRO B 302 20.61 -43.57 -19.59
C PRO B 302 20.72 -44.36 -20.89
N ARG B 303 19.84 -45.34 -21.04
CA ARG B 303 19.68 -46.07 -22.29
C ARG B 303 19.02 -45.15 -23.33
N GLY B 304 18.14 -44.28 -22.85
CA GLY B 304 17.44 -43.34 -23.72
C GLY B 304 16.82 -42.19 -22.95
N ILE B 305 16.40 -41.17 -23.70
CA ILE B 305 15.79 -39.98 -23.11
C ILE B 305 14.64 -39.54 -24.02
N ILE B 306 13.47 -39.39 -23.44
CA ILE B 306 12.25 -39.00 -24.14
C ILE B 306 11.79 -37.68 -23.58
N PRO B 307 12.01 -36.58 -24.33
CA PRO B 307 11.42 -35.30 -23.97
C PRO B 307 9.89 -35.38 -24.05
N LEU B 308 9.22 -34.84 -23.04
CA LEU B 308 7.77 -34.92 -22.97
C LEU B 308 7.07 -33.71 -23.58
N GLU B 309 7.86 -32.72 -24.00
CA GLU B 309 7.33 -31.50 -24.62
C GLU B 309 6.51 -31.87 -25.86
N ASN B 310 5.27 -31.40 -25.90
CA ASN B 310 4.31 -31.62 -27.00
C ASN B 310 3.68 -33.01 -27.10
N LEU B 311 3.93 -33.87 -26.11
CA LEU B 311 3.35 -35.21 -26.13
C LEU B 311 2.10 -35.28 -25.28
N SER B 312 1.27 -36.28 -25.54
CA SER B 312 0.17 -36.60 -24.65
C SER B 312 0.04 -38.10 -24.44
N ILE B 313 -0.86 -38.50 -23.55
CA ILE B 313 -1.05 -39.90 -23.19
C ILE B 313 -2.39 -40.43 -23.67
N ARG B 314 -2.38 -41.67 -24.15
CA ARG B 314 -3.61 -42.43 -24.37
C ARG B 314 -3.44 -43.84 -23.83
N GLU B 315 -4.44 -44.33 -23.10
CA GLU B 315 -4.43 -45.72 -22.67
C GLU B 315 -4.67 -46.65 -23.85
N VAL B 316 -4.08 -47.84 -23.78
CA VAL B 316 -4.27 -48.85 -24.82
C VAL B 316 -4.42 -50.23 -24.18
N GLU B 317 -5.12 -51.11 -24.87
CA GLU B 317 -5.13 -52.53 -24.51
C GLU B 317 -4.06 -53.24 -25.34
N ASP B 318 -3.22 -54.02 -24.67
CA ASP B 318 -2.15 -54.76 -25.34
C ASP B 318 -2.48 -56.25 -25.30
N PRO B 319 -2.15 -56.99 -26.37
CA PRO B 319 -2.36 -58.44 -26.40
C PRO B 319 -1.58 -59.20 -25.32
N ARG B 320 -0.41 -58.71 -24.95
CA ARG B 320 0.48 -59.45 -24.03
C ARG B 320 0.62 -58.81 -22.65
N LYS B 321 0.76 -57.49 -22.61
CA LYS B 321 1.17 -56.78 -21.41
C LYS B 321 0.04 -55.98 -20.75
N PRO B 322 0.01 -55.95 -19.41
CA PRO B 322 -1.07 -55.27 -18.69
C PRO B 322 -0.76 -53.80 -18.45
N ASN B 323 -1.80 -53.03 -18.15
CA ASN B 323 -1.64 -51.67 -17.64
C ASN B 323 -0.84 -50.78 -18.58
N CYS B 324 -1.27 -50.73 -19.85
CA CYS B 324 -0.52 -50.02 -20.89
C CYS B 324 -1.03 -48.63 -21.23
N PHE B 325 -0.09 -47.76 -21.56
CA PHE B 325 -0.41 -46.47 -22.17
C PHE B 325 0.63 -46.13 -23.23
N GLU B 326 0.28 -45.18 -24.08
CA GLU B 326 1.18 -44.69 -25.11
C GLU B 326 1.44 -43.21 -24.98
N LEU B 327 2.70 -42.82 -25.19
CA LEU B 327 3.05 -41.43 -25.44
C LEU B 327 3.07 -41.22 -26.94
N TYR B 328 2.43 -40.14 -27.38
CA TYR B 328 2.35 -39.82 -28.80
C TYR B 328 2.21 -38.32 -28.99
N ASN B 329 2.55 -37.86 -30.19
CA ASN B 329 2.40 -36.46 -30.56
C ASN B 329 1.13 -36.31 -31.41
N PRO B 330 0.08 -35.68 -30.84
CA PRO B 330 -1.22 -35.59 -31.51
C PRO B 330 -1.20 -34.63 -32.72
N SER B 331 -0.15 -33.83 -32.82
CA SER B 331 0.00 -32.86 -33.91
C SER B 331 0.70 -33.45 -35.13
N HIS B 332 1.46 -34.52 -34.91
CA HIS B 332 2.30 -35.10 -35.98
C HIS B 332 2.06 -36.59 -36.19
N LYS B 333 0.88 -36.92 -36.73
CA LYS B 333 0.50 -38.32 -36.96
C LYS B 333 1.49 -39.07 -37.85
N GLY B 334 1.89 -40.26 -37.40
CA GLY B 334 2.75 -41.15 -38.19
C GLY B 334 4.21 -40.73 -38.25
N GLN B 335 4.55 -39.64 -37.56
CA GLN B 335 5.91 -39.12 -37.54
C GLN B 335 6.68 -39.53 -36.29
N VAL B 336 7.96 -39.82 -36.49
CA VAL B 336 8.89 -40.17 -35.41
C VAL B 336 8.98 -39.09 -34.32
N ILE B 337 8.93 -39.51 -33.05
CA ILE B 337 9.08 -38.62 -31.91
C ILE B 337 10.55 -38.30 -31.69
N LYS B 338 10.86 -37.02 -31.49
CA LYS B 338 12.21 -36.58 -31.19
C LYS B 338 12.68 -37.15 -29.84
N ALA B 339 13.70 -37.99 -29.89
CA ALA B 339 14.27 -38.62 -28.71
C ALA B 339 15.66 -39.15 -29.04
N CYS B 340 16.42 -39.54 -28.02
CA CYS B 340 17.72 -40.15 -28.25
C CYS B 340 17.89 -41.43 -27.45
N LYS B 341 18.65 -42.36 -28.01
CA LYS B 341 19.02 -43.57 -27.29
C LYS B 341 20.40 -44.03 -27.72
N THR B 342 20.95 -44.98 -26.96
CA THR B 342 22.26 -45.53 -27.24
C THR B 342 22.12 -46.93 -27.82
N GLU B 343 22.84 -47.16 -28.92
CA GLU B 343 22.91 -48.48 -29.54
C GLU B 343 23.86 -49.37 -28.73
N ALA B 344 23.91 -50.65 -29.07
CA ALA B 344 24.77 -51.62 -28.40
C ALA B 344 26.26 -51.21 -28.41
N ASP B 345 26.70 -50.60 -29.51
CA ASP B 345 28.09 -50.16 -29.65
C ASP B 345 28.43 -48.90 -28.85
N GLY B 346 27.42 -48.25 -28.31
CA GLY B 346 27.61 -47.02 -27.52
C GLY B 346 27.29 -45.73 -28.26
N ARG B 347 26.98 -45.83 -29.55
CA ARG B 347 26.64 -44.65 -30.34
C ARG B 347 25.28 -44.09 -29.91
N VAL B 348 25.26 -42.78 -29.63
CA VAL B 348 24.02 -42.07 -29.33
C VAL B 348 23.35 -41.68 -30.66
N VAL B 349 22.14 -42.18 -30.86
CA VAL B 349 21.39 -41.93 -32.10
C VAL B 349 19.95 -41.46 -31.79
N GLU B 350 19.23 -41.04 -32.83
CA GLU B 350 17.83 -40.69 -32.71
C GLU B 350 16.94 -41.93 -32.55
N GLY B 351 15.84 -41.79 -31.83
CA GLY B 351 14.87 -42.87 -31.69
C GLY B 351 14.04 -43.02 -32.95
N ASN B 352 13.43 -44.19 -33.11
CA ASN B 352 12.61 -44.52 -34.27
C ASN B 352 11.15 -44.71 -33.89
N HIS B 353 10.70 -44.07 -32.81
CA HIS B 353 9.35 -44.26 -32.29
C HIS B 353 8.35 -43.27 -32.88
N VAL B 354 7.25 -43.80 -33.41
CA VAL B 354 6.06 -42.98 -33.68
C VAL B 354 5.29 -42.85 -32.37
N VAL B 355 5.30 -43.91 -31.56
CA VAL B 355 4.68 -43.91 -30.23
C VAL B 355 5.60 -44.62 -29.24
N TYR B 356 5.52 -44.27 -27.96
CA TYR B 356 6.13 -45.06 -26.90
C TYR B 356 5.05 -45.79 -26.11
N ARG B 357 4.94 -47.10 -26.32
CA ARG B 357 4.00 -47.92 -25.54
C ARG B 357 4.73 -48.40 -24.28
N ILE B 358 4.07 -48.18 -23.15
CA ILE B 358 4.64 -48.47 -21.83
C ILE B 358 3.66 -49.39 -21.08
N SER B 359 4.19 -50.36 -20.35
CA SER B 359 3.37 -51.22 -19.48
C SER B 359 3.84 -51.07 -18.04
N ALA B 360 2.90 -50.73 -17.14
CA ALA B 360 3.19 -50.64 -15.71
C ALA B 360 2.93 -51.96 -14.96
N PRO B 361 3.67 -52.21 -13.86
CA PRO B 361 3.55 -53.45 -13.08
C PRO B 361 2.17 -53.70 -12.44
N SER B 362 1.41 -52.62 -12.21
CA SER B 362 0.09 -52.70 -11.59
C SER B 362 -0.80 -51.57 -12.10
N PRO B 363 -2.14 -51.73 -12.00
CA PRO B 363 -3.03 -50.63 -12.38
C PRO B 363 -2.71 -49.34 -11.60
N GLU B 364 -2.38 -49.50 -10.32
CA GLU B 364 -2.05 -48.37 -9.45
C GLU B 364 -0.79 -47.63 -9.89
N GLU B 365 0.25 -48.38 -10.29
CA GLU B 365 1.48 -47.77 -10.79
C GLU B 365 1.23 -47.09 -12.15
N LYS B 366 0.35 -47.67 -12.97
CA LYS B 366 -0.05 -47.04 -14.24
C LYS B 366 -0.64 -45.65 -13.99
N GLU B 367 -1.58 -45.57 -13.06
CA GLU B 367 -2.24 -44.31 -12.73
C GLU B 367 -1.27 -43.27 -12.19
N GLU B 368 -0.35 -43.70 -11.32
CA GLU B 368 0.70 -42.82 -10.77
C GLU B 368 1.56 -42.21 -11.89
N TRP B 369 2.00 -43.04 -12.82
CA TRP B 369 2.86 -42.61 -13.91
C TRP B 369 2.14 -41.64 -14.84
N MET B 370 0.90 -41.96 -15.19
CA MET B 370 0.13 -41.10 -16.08
C MET B 370 -0.13 -39.74 -15.44
N LYS B 371 -0.47 -39.73 -14.14
CA LYS B 371 -0.62 -38.48 -13.37
C LYS B 371 0.66 -37.65 -13.42
N SER B 372 1.77 -38.27 -13.05
CA SER B 372 3.07 -37.59 -13.00
C SER B 372 3.43 -36.97 -14.35
N ILE B 373 3.30 -37.77 -15.41
CA ILE B 373 3.62 -37.33 -16.78
C ILE B 373 2.73 -36.17 -17.22
N LYS B 374 1.41 -36.33 -17.05
CA LYS B 374 0.46 -35.27 -17.37
C LYS B 374 0.78 -33.98 -16.61
N ALA B 375 1.00 -34.10 -15.30
CA ALA B 375 1.36 -32.96 -14.44
C ALA B 375 2.63 -32.26 -14.91
N SER B 376 3.68 -33.05 -15.15
CA SER B 376 4.95 -32.54 -15.67
C SER B 376 4.77 -31.73 -16.95
N ILE B 377 3.99 -32.27 -17.89
CA ILE B 377 3.76 -31.62 -19.18
C ILE B 377 2.91 -30.34 -19.00
N SER B 378 1.85 -30.45 -18.23
CA SER B 378 0.82 -29.39 -18.13
C SER B 378 1.27 -28.12 -17.41
N ARG B 379 2.28 -28.23 -16.55
CA ARG B 379 2.74 -27.08 -15.75
C ARG B 379 4.24 -26.83 -15.86
N ASP B 380 4.86 -27.29 -16.96
CA ASP B 380 6.32 -27.19 -17.14
C ASP B 380 6.89 -25.78 -16.96
N PRO B 381 6.30 -24.76 -17.61
CA PRO B 381 6.82 -23.39 -17.40
C PRO B 381 6.91 -23.01 -15.92
N PHE B 382 5.90 -23.40 -15.16
CA PHE B 382 5.85 -23.13 -13.73
C PHE B 382 6.88 -23.94 -12.92
N TYR B 383 7.00 -25.24 -13.20
CA TYR B 383 8.03 -26.08 -12.54
C TYR B 383 9.43 -25.59 -12.86
N ASP B 384 9.60 -25.07 -14.07
CA ASP B 384 10.87 -24.49 -14.51
C ASP B 384 11.20 -23.22 -13.71
N MET B 385 10.18 -22.40 -13.48
CA MET B 385 10.28 -21.18 -12.67
C MET B 385 10.78 -21.51 -11.27
N LEU B 386 10.15 -22.51 -10.64
CA LEU B 386 10.55 -22.95 -9.31
C LEU B 386 11.95 -23.55 -9.27
N ALA B 387 12.30 -24.30 -10.31
CA ALA B 387 13.60 -24.97 -10.41
C ALA B 387 14.75 -23.97 -10.48
N THR B 388 14.57 -22.93 -11.29
CA THR B 388 15.56 -21.85 -11.44
C THR B 388 15.68 -21.04 -10.15
N ARG B 389 14.56 -20.95 -9.41
CA ARG B 389 14.51 -20.29 -8.12
C ARG B 389 15.19 -21.14 -7.02
N LYS B 390 14.97 -22.44 -7.06
CA LYS B 390 15.55 -23.37 -6.08
C LYS B 390 17.07 -23.47 -6.17
N ARG B 391 17.61 -23.29 -7.37
CA ARG B 391 19.06 -23.30 -7.60
C ARG B 391 19.74 -22.15 -6.86
N ARG B 392 19.13 -20.97 -6.93
CA ARG B 392 19.61 -19.79 -6.22
C ARG B 392 19.35 -19.95 -4.73
N ILE B 393 18.34 -20.76 -4.37
CA ILE B 393 18.12 -21.14 -2.97
C ILE B 393 19.30 -21.99 -2.48
N ALA B 394 19.76 -23.00 -3.25
CA ALA B 394 20.89 -23.77 -2.82
C ALA B 394 22.09 -22.85 -2.78
N ASN B 395 22.98 -23.05 -1.80
CA ASN B 395 24.10 -22.17 -1.75
C ASN B 395 25.29 -22.99 -2.13
N LYS B 396 26.34 -22.35 -2.66
CA LYS B 396 27.53 -23.06 -3.04
C LYS B 396 28.50 -22.97 -1.90
N LYS B 397 28.97 -24.13 -1.40
CA LYS B 397 29.92 -24.16 -0.32
C LYS B 397 31.29 -24.34 -0.95
C1 4IP C . 15.32 25.54 -34.77
O1 4IP C . 16.05 24.85 -35.79
C2 4IP C . 15.50 24.84 -33.43
O2 4IP C . 15.04 23.48 -33.50
C3 4IP C . 14.74 25.61 -32.34
O3 4IP C . 15.04 25.08 -31.04
C4 4IP C . 13.23 25.62 -32.62
O4 4IP C . 12.59 26.47 -31.68
C5 4IP C . 12.95 26.19 -34.01
O5 4IP C . 11.56 25.96 -34.25
C6 4IP C . 13.82 25.59 -35.13
O6 4IP C . 13.66 26.31 -36.37
P1 4IP C . 17.58 25.24 -36.18
O1P 4IP C . 18.31 25.55 -34.89
O2P 4IP C . 17.98 23.98 -36.87
O3P 4IP C . 17.45 26.44 -37.08
P3 4IP C . 15.79 26.01 -29.96
O4P 4IP C . 17.12 26.44 -30.58
O5P 4IP C . 14.84 27.17 -29.75
O6P 4IP C . 15.93 25.11 -28.76
P4 4IP C . 11.71 25.94 -30.45
O7P 4IP C . 11.53 24.46 -30.68
O8P 4IP C . 10.46 26.76 -30.54
O9P 4IP C . 12.55 26.27 -29.23
P5 4IP C . 10.67 26.91 -35.19
OPF 4IP C . 9.26 26.53 -34.84
OPG 4IP C . 10.99 28.33 -34.79
OPH 4IP C . 11.08 26.54 -36.59
C1 4IP D . 15.48 -53.11 -29.22
O1 4IP D . 15.19 -54.48 -29.43
C2 4IP D . 15.03 -52.65 -27.84
O2 4IP D . 13.61 -52.82 -27.69
C3 4IP D . 15.37 -51.17 -27.66
O3 4IP D . 15.03 -50.73 -26.34
C4 4IP D . 14.72 -50.30 -28.73
O4 4IP D . 15.23 -48.97 -28.62
C5 4IP D . 15.05 -50.78 -30.14
O5 4IP D . 14.26 -50.02 -31.05
C6 4IP D . 14.87 -52.28 -30.35
O6 4IP D . 15.52 -52.69 -31.57
P1 4IP D . 16.22 -55.69 -29.11
O1P 4IP D . 16.95 -55.24 -27.87
O2P 4IP D . 15.26 -56.83 -28.92
O3P 4IP D . 17.09 -55.82 -30.32
P3 4IP D . 16.19 -50.23 -25.33
O4P 4IP D . 16.83 -49.05 -26.02
O5P 4IP D . 17.10 -51.43 -25.20
O6P 4IP D . 15.42 -49.83 -24.09
P4 4IP D . 14.38 -47.73 -28.02
O7P 4IP D . 13.00 -48.23 -27.78
O8P 4IP D . 14.54 -46.61 -29.02
O9P 4IP D . 15.10 -47.39 -26.72
P5 4IP D . 14.69 -49.74 -32.58
OPF 4IP D . 13.81 -48.60 -32.97
OPG 4IP D . 16.15 -49.34 -32.48
OPH 4IP D . 14.44 -51.05 -33.29
#